data_9UYN
#
_entry.id   9UYN
#
_cell.length_a   1.00
_cell.length_b   1.00
_cell.length_c   1.00
_cell.angle_alpha   90.00
_cell.angle_beta   90.00
_cell.angle_gamma   90.00
#
_symmetry.space_group_name_H-M   'P 1'
#
loop_
_entity.id
_entity.type
_entity.pdbx_description
1 polymer 'Chemerin-like receptor 2,Vasopressin V2 receptor'
2 polymer Beta-arrestin-1
3 polymer 'Nanobody 32'
4 polymer 'Single-chain fragment variable 30 (scFv30)'
5 non-polymer 'PALMITOLEIC ACID'
#
loop_
_entity_poly.entity_id
_entity_poly.type
_entity_poly.pdbx_seq_one_letter_code
_entity_poly.pdbx_strand_id
1 'polypeptide(L)'
;MKTIIALSYIFCLVFAGSWSHPQFEKGSGAGASAGSWSHPQFEKGSDYKDDDDKEFLEVLFQGPEDLEETLFEEFENYSY
DLDYYSLESDLEEKVQLGVVHWVSLVLYCLAFVLGIPGNAIVIWFTGFKWKKTVTTLWFLNLAIADFIFLLFLPLYISYV
AMNFHWPFGIWLCKANSFTAQLNMFASVFFLTVISLDHYIHLIHPCLSHRHRTLKNSLIVIIFIWLLASLIGGPALYFRD
TVEFNNHTLCYNNFQKHDPDLTLIRHHVLTWVKFIIGYLFPLLTMSICYLCLIFKVKKRSILISSRHFWTILVVVVAFVV
CWTPYHLFSIWELTIHHNSYSHHVMQAGIPLSTGLAFLNSCLNPILYVLISKKFQARFRSSVAEIARGRTPPSLGPQDE
(SEP)C(TPO)(TPO)A(SEP)(SEP)(SEP)LAKDTSS
;
R
2 'polypeptide(L)'
;MGDKGTRVFKKASPNGKLTVYLGKRDFVDHIDLVDPVDGVVLVDPEYLKERRVYVTLTAAFRYGREDLDVLGLTFRKDLF
VANVQSFPPAPEDKKPLTRLQERLIKKLGEHAYPFTFEIPPNLPSSVTLQPGPEDTGKAIGVDYEVKAFVAENLEEKIHK
RNSVRLVIEKVQYAPERPGPQPTAETTRQFLMSDKPLHLEASLDKEIYYHGEPISVNVHVTNNTNKTVKKIKISVRQYAD
IVLFNTAQCKVPVAMEEADDTVAPSSTFSKVYTLTPFLANNREKRGLALDGKLKHEDTNLASSTLLREGANREILGIIVS
YKVKVKLVVSRGGLLGDLASSDVAVELPFTLMHPKPKEEPPHREVPENETPVDTNL
;
A
3 'polypeptide(L)'
;QVQLQESGGGLVQAGGSLRLSCVVSGFFFDTVTMAWYRRAPGKHRELVASATAGGTTTYADSVKDRFTISRDNAKNTVYL
QMNSLKPEDTAVYYCNTFVRSLSWGQGTQVTVSSHHHHHH
;
B
4 'polypeptide(L)'
;SDIQMTQSPSSLSASVGDRVTITCRASQSVSSAVAWYQQKPGKAPKLLIYSASSLYSGVPSRFSGSRSGTDFTLTISSLQ
PEDFATYYCQQYKYVPVTFGQGTKVEIKGTTAASGSSGGSSSGAEVQLVESGGGLVQPGGSLRLSCAASGFNVYSSSIHW
VRQAPGKGLEWVASISSYYGYTYYADSVKGRFTISADTSKNTAYLQMNSLRAEDTAVYYCARSRQFWYSGLDYWGQGTLV
TVSSA
;
C
#
loop_
_chem_comp.id
_chem_comp.type
_chem_comp.name
_chem_comp.formula
PAM non-polymer 'PALMITOLEIC ACID' 'C16 H30 O2'
#
# COMPACT_ATOMS: atom_id res chain seq x y z
N VAL A 99 -44.61 14.07 -41.56
CA VAL A 99 -45.00 13.13 -40.52
C VAL A 99 -43.81 12.85 -39.61
N VAL A 100 -44.09 12.51 -38.34
CA VAL A 100 -43.04 12.25 -37.37
C VAL A 100 -42.58 10.80 -37.36
N HIS A 101 -43.09 9.98 -38.27
CA HIS A 101 -42.67 8.58 -38.33
C HIS A 101 -41.27 8.43 -38.92
N TRP A 102 -40.97 9.21 -39.97
CA TRP A 102 -39.65 9.11 -40.61
C TRP A 102 -38.54 9.55 -39.67
N VAL A 103 -38.76 10.65 -38.93
CA VAL A 103 -37.75 11.10 -37.98
C VAL A 103 -37.60 10.10 -36.85
N SER A 104 -38.70 9.44 -36.44
CA SER A 104 -38.59 8.40 -35.44
C SER A 104 -37.75 7.23 -35.94
N LEU A 105 -37.94 6.82 -37.20
CA LEU A 105 -37.11 5.77 -37.77
C LEU A 105 -35.64 6.18 -37.82
N VAL A 106 -35.39 7.43 -38.21
CA VAL A 106 -34.01 7.93 -38.26
C VAL A 106 -33.39 7.90 -36.88
N LEU A 107 -34.13 8.33 -35.86
CA LEU A 107 -33.63 8.30 -34.49
C LEU A 107 -33.34 6.88 -34.03
N TYR A 108 -34.23 5.94 -34.34
CA TYR A 108 -34.01 4.55 -33.95
C TYR A 108 -32.75 3.99 -34.61
N CYS A 109 -32.60 4.23 -35.91
CA CYS A 109 -31.43 3.73 -36.63
C CYS A 109 -30.15 4.35 -36.10
N LEU A 110 -30.17 5.66 -35.85
CA LEU A 110 -28.98 6.34 -35.32
C LEU A 110 -28.63 5.80 -33.94
N ALA A 111 -29.63 5.60 -33.09
CA ALA A 111 -29.37 5.04 -31.76
C ALA A 111 -28.75 3.65 -31.87
N PHE A 112 -29.29 2.80 -32.74
CA PHE A 112 -28.74 1.47 -32.91
C PHE A 112 -27.28 1.52 -33.37
N VAL A 113 -27.02 2.28 -34.44
CA VAL A 113 -25.69 2.28 -35.03
C VAL A 113 -24.66 2.96 -34.13
N LEU A 114 -25.09 3.93 -33.32
CA LEU A 114 -24.15 4.60 -32.42
C LEU A 114 -24.10 3.98 -31.03
N GLY A 115 -24.94 3.00 -30.74
CA GLY A 115 -24.91 2.36 -29.45
C GLY A 115 -24.43 0.93 -29.46
N ILE A 116 -24.43 0.28 -30.62
CA ILE A 116 -23.88 -1.08 -30.69
C ILE A 116 -22.36 -1.03 -30.44
N PRO A 117 -21.56 -0.34 -31.27
CA PRO A 117 -20.11 -0.43 -31.09
C PRO A 117 -19.61 0.35 -29.88
N GLY A 118 -20.23 1.49 -29.55
CA GLY A 118 -19.81 2.23 -28.38
C GLY A 118 -20.01 1.45 -27.10
N ASN A 119 -21.19 0.86 -26.93
CA ASN A 119 -21.42 0.03 -25.76
C ASN A 119 -20.55 -1.23 -25.78
N ALA A 120 -20.31 -1.79 -26.97
CA ALA A 120 -19.44 -2.96 -27.07
C ALA A 120 -18.03 -2.65 -26.56
N ILE A 121 -17.47 -1.52 -27.01
CA ILE A 121 -16.11 -1.18 -26.58
C ILE A 121 -16.08 -0.76 -25.12
N VAL A 122 -17.14 -0.11 -24.64
CA VAL A 122 -17.19 0.23 -23.21
C VAL A 122 -17.22 -1.03 -22.36
N ILE A 123 -18.01 -2.03 -22.76
CA ILE A 123 -18.05 -3.30 -22.04
C ILE A 123 -16.68 -3.97 -22.10
N TRP A 124 -16.05 -3.97 -23.28
CA TRP A 124 -14.74 -4.60 -23.42
C TRP A 124 -13.71 -3.95 -22.52
N PHE A 125 -13.74 -2.62 -22.41
CA PHE A 125 -12.76 -1.92 -21.59
C PHE A 125 -13.03 -2.09 -20.10
N THR A 126 -14.31 -2.02 -19.69
CA THR A 126 -14.64 -2.01 -18.26
C THR A 126 -14.91 -3.39 -17.68
N GLY A 127 -14.90 -4.44 -18.50
CA GLY A 127 -15.21 -5.76 -17.98
C GLY A 127 -14.20 -6.84 -18.34
N PHE A 128 -13.28 -6.51 -19.25
CA PHE A 128 -12.30 -7.49 -19.71
C PHE A 128 -10.86 -6.99 -19.72
N LYS A 129 -10.63 -5.68 -19.73
CA LYS A 129 -9.28 -5.13 -19.80
C LYS A 129 -8.87 -4.39 -18.54
N TRP A 130 -9.70 -3.48 -18.05
CA TRP A 130 -9.36 -2.73 -16.85
C TRP A 130 -9.51 -3.58 -15.60
N LYS A 131 -8.78 -3.20 -14.56
CA LYS A 131 -8.85 -3.89 -13.29
C LYS A 131 -10.20 -3.63 -12.62
N LYS A 132 -10.73 -4.65 -11.96
CA LYS A 132 -12.05 -4.58 -11.34
C LYS A 132 -11.97 -3.78 -10.05
N THR A 133 -12.46 -2.55 -10.10
CA THR A 133 -12.60 -1.69 -8.93
C THR A 133 -13.98 -1.04 -8.98
N VAL A 134 -14.49 -0.64 -7.82
CA VAL A 134 -15.85 -0.12 -7.79
C VAL A 134 -15.84 1.38 -8.08
N THR A 135 -15.64 1.71 -9.35
CA THR A 135 -16.10 2.97 -9.94
C THR A 135 -16.65 2.80 -11.35
N THR A 136 -16.26 1.75 -12.06
CA THR A 136 -16.68 1.52 -13.43
C THR A 136 -17.53 0.26 -13.58
N LEU A 137 -17.77 -0.49 -12.51
CA LEU A 137 -18.70 -1.60 -12.58
C LEU A 137 -20.12 -1.11 -12.86
N TRP A 138 -20.50 0.01 -12.26
CA TRP A 138 -21.81 0.61 -12.54
C TRP A 138 -21.92 0.98 -14.01
N PHE A 139 -20.88 1.59 -14.57
CA PHE A 139 -20.91 1.96 -15.98
C PHE A 139 -20.88 0.72 -16.88
N LEU A 140 -20.18 -0.33 -16.47
CA LEU A 140 -20.20 -1.57 -17.24
C LEU A 140 -21.60 -2.17 -17.28
N ASN A 141 -22.29 -2.17 -16.15
CA ASN A 141 -23.67 -2.67 -16.13
C ASN A 141 -24.60 -1.76 -16.94
N LEU A 142 -24.35 -0.45 -16.89
CA LEU A 142 -25.11 0.48 -17.72
C LEU A 142 -24.93 0.14 -19.20
N ALA A 143 -23.70 -0.09 -19.62
CA ALA A 143 -23.41 -0.43 -21.01
C ALA A 143 -24.02 -1.78 -21.37
N ILE A 144 -24.03 -2.72 -20.44
CA ILE A 144 -24.64 -4.03 -20.70
C ILE A 144 -26.13 -3.88 -20.95
N ALA A 145 -26.80 -3.10 -20.10
CA ALA A 145 -28.23 -2.87 -20.29
C ALA A 145 -28.51 -2.16 -21.60
N ASP A 146 -27.71 -1.14 -21.93
CA ASP A 146 -27.88 -0.44 -23.20
C ASP A 146 -27.66 -1.38 -24.38
N PHE A 147 -26.65 -2.25 -24.29
CA PHE A 147 -26.36 -3.19 -25.38
C PHE A 147 -27.51 -4.17 -25.57
N ILE A 148 -28.07 -4.67 -24.47
CA ILE A 148 -29.21 -5.59 -24.58
C ILE A 148 -30.40 -4.89 -25.23
N PHE A 149 -30.68 -3.66 -24.77
CA PHE A 149 -31.82 -2.92 -25.33
C PHE A 149 -31.62 -2.64 -26.81
N LEU A 150 -30.41 -2.24 -27.20
CA LEU A 150 -30.16 -1.95 -28.62
C LEU A 150 -30.08 -3.21 -29.45
N LEU A 151 -29.77 -4.37 -28.84
CA LEU A 151 -29.82 -5.63 -29.57
C LEU A 151 -31.26 -6.04 -29.85
N PHE A 152 -32.16 -5.78 -28.90
CA PHE A 152 -33.57 -6.06 -29.13
C PHE A 152 -34.29 -4.94 -29.89
N LEU A 153 -33.66 -3.79 -30.04
CA LEU A 153 -34.28 -2.67 -30.77
C LEU A 153 -34.61 -2.97 -32.23
N PRO A 154 -33.76 -3.63 -33.03
CA PRO A 154 -34.10 -3.79 -34.45
C PRO A 154 -35.41 -4.51 -34.70
N LEU A 155 -35.86 -5.36 -33.78
CA LEU A 155 -37.19 -5.95 -33.91
C LEU A 155 -38.26 -4.88 -33.91
N TYR A 156 -38.18 -3.94 -32.97
CA TYR A 156 -39.13 -2.82 -32.95
C TYR A 156 -38.95 -1.91 -34.16
N ILE A 157 -37.70 -1.74 -34.61
CA ILE A 157 -37.44 -0.91 -35.79
C ILE A 157 -38.15 -1.49 -37.01
N SER A 158 -38.04 -2.81 -37.20
CA SER A 158 -38.76 -3.46 -38.28
C SER A 158 -40.27 -3.43 -38.07
N TYR A 159 -40.71 -3.53 -36.82
CA TYR A 159 -42.14 -3.47 -36.54
C TYR A 159 -42.72 -2.10 -36.87
N VAL A 160 -41.94 -1.03 -36.74
CA VAL A 160 -42.45 0.32 -36.95
C VAL A 160 -42.15 0.85 -38.36
N ALA A 161 -41.14 0.32 -39.05
CA ALA A 161 -40.83 0.80 -40.39
C ALA A 161 -42.00 0.56 -41.34
N MET A 162 -42.47 -0.69 -41.40
CA MET A 162 -43.81 -0.96 -41.90
C MET A 162 -44.80 -0.64 -40.78
N ASN A 163 -45.83 0.14 -41.12
CA ASN A 163 -46.51 0.99 -40.14
C ASN A 163 -46.81 0.31 -38.80
N PHE A 164 -47.72 -0.66 -38.81
CA PHE A 164 -48.14 -1.41 -37.61
C PHE A 164 -48.31 -2.87 -38.03
N HIS A 165 -47.24 -3.66 -37.88
CA HIS A 165 -47.33 -5.08 -38.16
C HIS A 165 -46.17 -5.79 -37.48
N TRP A 166 -46.48 -6.80 -36.67
CA TRP A 166 -45.49 -7.60 -35.97
C TRP A 166 -45.56 -9.04 -36.45
N PRO A 167 -44.65 -9.46 -37.34
CA PRO A 167 -44.72 -10.84 -37.85
C PRO A 167 -44.02 -11.86 -36.97
N PHE A 168 -43.25 -11.43 -35.97
CA PHE A 168 -42.54 -12.35 -35.10
C PHE A 168 -43.50 -12.98 -34.10
N GLY A 169 -42.99 -13.93 -33.34
CA GLY A 169 -43.79 -14.62 -32.35
C GLY A 169 -44.12 -13.74 -31.16
N ILE A 170 -45.07 -14.22 -30.35
CA ILE A 170 -45.48 -13.50 -29.16
C ILE A 170 -44.34 -13.43 -28.15
N TRP A 171 -43.43 -14.41 -28.18
CA TRP A 171 -42.29 -14.40 -27.26
C TRP A 171 -41.43 -13.17 -27.48
N LEU A 172 -41.08 -12.89 -28.74
CA LEU A 172 -40.30 -11.70 -29.05
C LEU A 172 -41.08 -10.43 -28.78
N CYS A 173 -42.40 -10.46 -29.03
CA CYS A 173 -43.24 -9.30 -28.76
C CYS A 173 -43.23 -8.94 -27.28
N LYS A 174 -43.20 -9.95 -26.42
CA LYS A 174 -43.05 -9.66 -24.98
C LYS A 174 -41.62 -9.27 -24.63
N ALA A 175 -40.64 -9.93 -25.23
CA ALA A 175 -39.26 -9.78 -24.82
C ALA A 175 -38.71 -8.40 -25.17
N ASN A 176 -39.06 -7.86 -26.33
CA ASN A 176 -38.52 -6.56 -26.71
C ASN A 176 -38.99 -5.46 -25.75
N SER A 177 -40.28 -5.46 -25.41
CA SER A 177 -40.78 -4.48 -24.46
C SER A 177 -40.24 -4.73 -23.06
N PHE A 178 -40.07 -6.00 -22.68
CA PHE A 178 -39.49 -6.31 -21.38
C PHE A 178 -38.08 -5.75 -21.28
N THR A 179 -37.27 -5.92 -22.32
CA THR A 179 -35.90 -5.41 -22.30
C THR A 179 -35.88 -3.89 -22.36
N ALA A 180 -36.83 -3.29 -23.09
CA ALA A 180 -36.92 -1.83 -23.12
C ALA A 180 -37.19 -1.26 -21.73
N GLN A 181 -38.19 -1.81 -21.03
CA GLN A 181 -38.47 -1.36 -19.68
C GLN A 181 -37.34 -1.70 -18.73
N LEU A 182 -36.67 -2.84 -18.94
CA LEU A 182 -35.54 -3.22 -18.12
C LEU A 182 -34.42 -2.19 -18.23
N ASN A 183 -34.12 -1.74 -19.45
CA ASN A 183 -33.15 -0.67 -19.62
C ASN A 183 -33.64 0.61 -18.94
N MET A 184 -34.90 0.97 -19.19
CA MET A 184 -35.44 2.22 -18.66
C MET A 184 -35.31 2.28 -17.14
N PHE A 185 -35.49 1.16 -16.46
CA PHE A 185 -35.39 1.15 -15.01
C PHE A 185 -33.97 0.93 -14.50
N ALA A 186 -33.24 -0.03 -15.09
CA ALA A 186 -31.90 -0.34 -14.62
C ALA A 186 -30.94 0.82 -14.83
N SER A 187 -31.03 1.51 -15.97
CA SER A 187 -30.12 2.62 -16.22
C SER A 187 -30.28 3.72 -15.18
N VAL A 188 -31.52 4.08 -14.88
CA VAL A 188 -31.75 5.16 -13.92
C VAL A 188 -31.42 4.70 -12.50
N PHE A 189 -31.67 3.44 -12.17
CA PHE A 189 -31.28 2.94 -10.85
C PHE A 189 -29.76 2.94 -10.70
N PHE A 190 -29.04 2.54 -11.74
CA PHE A 190 -27.59 2.55 -11.69
C PHE A 190 -27.05 3.97 -11.58
N LEU A 191 -27.67 4.92 -12.29
CA LEU A 191 -27.26 6.32 -12.13
C LEU A 191 -27.51 6.81 -10.72
N THR A 192 -28.63 6.40 -10.12
CA THR A 192 -28.93 6.80 -8.75
C THR A 192 -27.88 6.25 -7.78
N VAL A 193 -27.52 4.97 -7.93
CA VAL A 193 -26.52 4.42 -7.03
C VAL A 193 -25.15 4.99 -7.31
N ILE A 194 -24.88 5.41 -8.55
CA ILE A 194 -23.64 6.12 -8.85
C ILE A 194 -23.59 7.44 -8.08
N SER A 195 -24.69 8.18 -8.11
CA SER A 195 -24.75 9.44 -7.37
C SER A 195 -24.60 9.23 -5.88
N LEU A 196 -25.26 8.21 -5.34
CA LEU A 196 -25.13 7.90 -3.91
C LEU A 196 -23.70 7.53 -3.55
N ASP A 197 -23.05 6.70 -4.38
CA ASP A 197 -21.67 6.31 -4.12
C ASP A 197 -20.75 7.51 -4.18
N HIS A 198 -20.97 8.40 -5.15
CA HIS A 198 -20.17 9.62 -5.25
C HIS A 198 -20.33 10.48 -3.99
N TYR A 199 -21.58 10.67 -3.55
CA TYR A 199 -21.82 11.49 -2.37
C TYR A 199 -21.19 10.89 -1.12
N ILE A 200 -21.29 9.57 -0.97
CA ILE A 200 -20.71 8.90 0.20
C ILE A 200 -19.19 8.96 0.14
N HIS A 201 -18.61 8.81 -1.06
CA HIS A 201 -17.15 8.83 -1.18
C HIS A 201 -16.58 10.20 -0.88
N LEU A 202 -17.21 11.27 -1.39
CA LEU A 202 -16.67 12.61 -1.15
C LEU A 202 -17.07 13.15 0.22
N ILE A 203 -18.34 13.01 0.60
CA ILE A 203 -18.84 13.46 1.89
C ILE A 203 -19.12 12.24 2.76
N HIS A 204 -18.68 12.31 4.01
CA HIS A 204 -18.66 11.19 4.94
C HIS A 204 -17.77 10.08 4.39
N PRO A 205 -16.46 10.29 4.28
CA PRO A 205 -15.58 9.24 3.75
C PRO A 205 -15.32 8.11 4.73
N CYS A 206 -15.71 8.25 6.00
CA CYS A 206 -15.52 7.15 6.95
C CYS A 206 -16.32 5.92 6.54
N LEU A 207 -17.57 6.12 6.11
CA LEU A 207 -18.38 5.01 5.63
C LEU A 207 -17.83 4.45 4.32
N SER A 208 -17.36 5.33 3.44
CA SER A 208 -16.87 4.89 2.13
C SER A 208 -15.52 4.21 2.21
N HIS A 209 -14.79 4.36 3.31
CA HIS A 209 -13.50 3.71 3.48
C HIS A 209 -13.61 2.34 4.14
N ARG A 210 -14.81 1.90 4.47
CA ARG A 210 -15.01 0.60 5.12
C ARG A 210 -16.04 -0.26 4.41
N HIS A 211 -17.10 0.33 3.86
CA HIS A 211 -18.18 -0.43 3.25
C HIS A 211 -18.17 -0.40 1.73
N ARG A 212 -17.16 0.22 1.11
CA ARG A 212 -17.09 0.27 -0.35
C ARG A 212 -16.29 -0.90 -0.90
N THR A 213 -16.71 -2.11 -0.55
CA THR A 213 -16.05 -3.33 -1.00
C THR A 213 -16.64 -3.77 -2.33
N LEU A 214 -15.81 -4.47 -3.12
CA LEU A 214 -16.27 -4.97 -4.42
C LEU A 214 -17.41 -5.96 -4.26
N LYS A 215 -17.38 -6.77 -3.21
CA LYS A 215 -18.47 -7.70 -2.96
C LYS A 215 -19.78 -6.96 -2.72
N ASN A 216 -19.72 -5.86 -1.97
CA ASN A 216 -20.92 -5.03 -1.78
C ASN A 216 -21.39 -4.47 -3.12
N SER A 217 -20.46 -4.10 -4.00
CA SER A 217 -20.84 -3.62 -5.32
C SER A 217 -21.58 -4.71 -6.11
N LEU A 218 -21.07 -5.94 -6.06
CA LEU A 218 -21.75 -7.04 -6.75
C LEU A 218 -23.14 -7.29 -6.16
N ILE A 219 -23.27 -7.22 -4.83
CA ILE A 219 -24.57 -7.42 -4.20
C ILE A 219 -25.54 -6.33 -4.65
N VAL A 220 -25.07 -5.08 -4.68
CA VAL A 220 -25.93 -3.98 -5.10
C VAL A 220 -26.35 -4.14 -6.56
N ILE A 221 -25.41 -4.56 -7.41
CA ILE A 221 -25.72 -4.77 -8.83
C ILE A 221 -26.77 -5.88 -8.98
N ILE A 222 -26.61 -6.98 -8.25
CA ILE A 222 -27.57 -8.08 -8.32
C ILE A 222 -28.95 -7.61 -7.85
N PHE A 223 -28.99 -6.86 -6.74
CA PHE A 223 -30.26 -6.36 -6.25
C PHE A 223 -30.93 -5.43 -7.26
N ILE A 224 -30.14 -4.55 -7.89
CA ILE A 224 -30.69 -3.64 -8.89
C ILE A 224 -31.27 -4.43 -10.07
N TRP A 225 -30.53 -5.44 -10.53
CA TRP A 225 -31.00 -6.21 -11.67
C TRP A 225 -32.29 -6.96 -11.34
N LEU A 226 -32.35 -7.58 -10.16
CA LEU A 226 -33.57 -8.29 -9.77
C LEU A 226 -34.74 -7.33 -9.61
N LEU A 227 -34.51 -6.16 -9.03
CA LEU A 227 -35.59 -5.18 -8.88
C LEU A 227 -36.09 -4.71 -10.24
N ALA A 228 -35.17 -4.43 -11.17
CA ALA A 228 -35.58 -4.00 -12.51
C ALA A 228 -36.36 -5.08 -13.22
N SER A 229 -35.92 -6.34 -13.10
CA SER A 229 -36.66 -7.44 -13.72
C SER A 229 -38.05 -7.59 -13.11
N LEU A 230 -38.15 -7.46 -11.79
CA LEU A 230 -39.45 -7.57 -11.13
C LEU A 230 -40.39 -6.46 -11.58
N ILE A 231 -39.87 -5.23 -11.71
CA ILE A 231 -40.71 -4.13 -12.15
C ILE A 231 -41.13 -4.30 -13.61
N GLY A 232 -40.21 -4.78 -14.45
CA GLY A 232 -40.53 -4.96 -15.86
C GLY A 232 -41.33 -6.21 -16.18
N GLY A 233 -41.48 -7.13 -15.23
CA GLY A 233 -42.27 -8.32 -15.43
C GLY A 233 -43.71 -8.11 -15.84
N PRO A 234 -44.44 -7.17 -15.24
CA PRO A 234 -45.78 -6.88 -15.73
C PRO A 234 -45.84 -6.54 -17.22
N ALA A 235 -44.86 -5.81 -17.72
CA ALA A 235 -44.80 -5.54 -19.16
C ALA A 235 -44.54 -6.81 -19.95
N LEU A 236 -43.72 -7.71 -19.41
CA LEU A 236 -43.47 -8.99 -20.06
C LEU A 236 -44.72 -9.85 -20.12
N TYR A 237 -45.58 -9.76 -19.11
CA TYR A 237 -46.74 -10.65 -19.02
C TYR A 237 -47.97 -10.09 -19.73
N PHE A 238 -48.20 -8.77 -19.67
CA PHE A 238 -49.44 -8.22 -20.17
C PHE A 238 -49.49 -8.18 -21.69
N ARG A 239 -48.39 -7.77 -22.33
CA ARG A 239 -48.43 -7.53 -23.77
C ARG A 239 -48.60 -8.82 -24.56
N ASP A 240 -49.39 -8.73 -25.62
CA ASP A 240 -49.61 -9.83 -26.56
C ASP A 240 -49.81 -9.23 -27.95
N THR A 241 -50.31 -10.04 -28.87
CA THR A 241 -50.50 -9.63 -30.26
C THR A 241 -51.96 -9.82 -30.65
N VAL A 242 -52.45 -8.93 -31.53
CA VAL A 242 -53.81 -8.99 -32.02
C VAL A 242 -53.81 -8.69 -33.52
N GLU A 243 -54.71 -9.35 -34.24
CA GLU A 243 -54.88 -9.15 -35.67
C GLU A 243 -56.05 -8.20 -35.90
N PHE A 244 -55.73 -6.94 -36.17
CA PHE A 244 -56.73 -5.91 -36.41
C PHE A 244 -56.46 -5.26 -37.76
N ASN A 245 -57.51 -5.13 -38.57
CA ASN A 245 -57.42 -4.53 -39.91
C ASN A 245 -56.35 -5.22 -40.76
N ASN A 246 -56.31 -6.55 -40.67
CA ASN A 246 -55.35 -7.38 -41.40
C ASN A 246 -53.90 -7.02 -41.05
N HIS A 247 -53.69 -6.53 -39.83
CA HIS A 247 -52.35 -6.23 -39.34
C HIS A 247 -52.16 -6.88 -37.97
N THR A 248 -51.07 -7.61 -37.81
CA THR A 248 -50.73 -8.24 -36.54
C THR A 248 -49.89 -7.27 -35.73
N LEU A 249 -50.50 -6.65 -34.73
CA LEU A 249 -49.85 -5.59 -33.96
C LEU A 249 -49.77 -5.99 -32.48
N CYS A 250 -48.69 -5.56 -31.84
CA CYS A 250 -48.48 -5.79 -30.42
C CYS A 250 -49.21 -4.73 -29.60
N TYR A 251 -49.85 -5.18 -28.51
CA TYR A 251 -50.56 -4.27 -27.63
C TYR A 251 -50.57 -4.85 -26.22
N ASN A 252 -50.79 -3.98 -25.24
CA ASN A 252 -50.92 -4.40 -23.86
C ASN A 252 -52.33 -4.91 -23.60
N ASN A 253 -52.44 -6.16 -23.16
CA ASN A 253 -53.75 -6.79 -22.93
C ASN A 253 -54.35 -6.31 -21.61
N PHE A 254 -54.60 -5.00 -21.53
CA PHE A 254 -55.29 -4.42 -20.39
C PHE A 254 -56.78 -4.71 -20.40
N GLN A 255 -57.29 -5.32 -21.48
CA GLN A 255 -58.69 -5.71 -21.60
C GLN A 255 -58.91 -7.17 -21.24
N LYS A 256 -58.17 -7.66 -20.23
CA LYS A 256 -58.23 -9.05 -19.80
C LYS A 256 -59.66 -9.41 -19.39
N HIS A 257 -59.89 -10.72 -19.22
CA HIS A 257 -61.23 -11.30 -19.06
C HIS A 257 -62.17 -10.45 -18.22
N ASP A 258 -61.69 -9.93 -17.09
CA ASP A 258 -62.52 -9.07 -16.25
C ASP A 258 -62.60 -7.68 -16.87
N PRO A 259 -63.79 -7.20 -17.24
CA PRO A 259 -63.90 -5.86 -17.85
C PRO A 259 -63.98 -4.76 -16.80
N ASP A 260 -64.47 -5.11 -15.61
CA ASP A 260 -64.57 -4.12 -14.54
C ASP A 260 -63.19 -3.64 -14.11
N LEU A 261 -62.23 -4.55 -14.00
CA LEU A 261 -60.87 -4.17 -13.64
C LEU A 261 -60.11 -3.55 -14.80
N THR A 262 -60.60 -3.71 -16.03
CA THR A 262 -59.97 -3.08 -17.18
C THR A 262 -60.10 -1.56 -17.10
N LEU A 263 -59.12 -0.87 -17.68
CA LEU A 263 -58.94 0.58 -17.63
C LEU A 263 -58.49 1.07 -16.26
N ILE A 264 -58.36 0.18 -15.27
CA ILE A 264 -57.77 0.53 -13.99
C ILE A 264 -56.38 -0.09 -13.84
N ARG A 265 -56.18 -1.30 -14.36
CA ARG A 265 -54.86 -1.91 -14.33
C ARG A 265 -53.84 -1.05 -15.06
N HIS A 266 -54.21 -0.54 -16.24
CA HIS A 266 -53.31 0.36 -16.97
C HIS A 266 -53.00 1.60 -16.16
N HIS A 267 -54.02 2.20 -15.54
CA HIS A 267 -53.81 3.44 -14.79
C HIS A 267 -52.82 3.22 -13.64
N VAL A 268 -53.07 2.21 -12.81
CA VAL A 268 -52.20 1.98 -11.67
C VAL A 268 -50.81 1.56 -12.11
N LEU A 269 -50.73 0.76 -13.18
CA LEU A 269 -49.42 0.30 -13.67
C LEU A 269 -48.58 1.48 -14.14
N THR A 270 -49.14 2.34 -15.00
CA THR A 270 -48.37 3.47 -15.49
C THR A 270 -48.12 4.51 -14.40
N TRP A 271 -49.04 4.63 -13.43
CA TRP A 271 -48.80 5.52 -12.31
C TRP A 271 -47.61 5.06 -11.49
N VAL A 272 -47.57 3.77 -11.14
CA VAL A 272 -46.44 3.24 -10.38
C VAL A 272 -45.16 3.42 -11.17
N LYS A 273 -45.20 3.09 -12.46
CA LYS A 273 -44.01 3.23 -13.30
C LYS A 273 -43.49 4.65 -13.29
N PHE A 274 -44.36 5.63 -13.58
CA PHE A 274 -43.90 7.02 -13.64
C PHE A 274 -43.41 7.48 -12.28
N ILE A 275 -44.23 7.32 -11.24
CA ILE A 275 -43.85 7.81 -9.91
C ILE A 275 -42.50 7.26 -9.51
N ILE A 276 -42.38 5.93 -9.44
CA ILE A 276 -41.12 5.35 -9.01
C ILE A 276 -40.00 5.81 -9.93
N GLY A 277 -40.05 5.37 -11.20
CA GLY A 277 -38.90 5.46 -12.08
C GLY A 277 -38.50 6.86 -12.47
N TYR A 278 -39.37 7.85 -12.29
CA TYR A 278 -39.01 9.24 -12.52
C TYR A 278 -38.74 9.98 -11.21
N LEU A 279 -39.73 10.03 -10.32
CA LEU A 279 -39.60 10.87 -9.14
C LEU A 279 -38.50 10.35 -8.20
N PHE A 280 -38.52 9.06 -7.85
CA PHE A 280 -37.62 8.61 -6.80
C PHE A 280 -36.15 8.78 -7.17
N PRO A 281 -35.67 8.27 -8.32
CA PRO A 281 -34.27 8.51 -8.67
C PRO A 281 -33.95 9.98 -8.90
N LEU A 282 -34.82 10.72 -9.58
CA LEU A 282 -34.51 12.12 -9.89
C LEU A 282 -34.46 12.96 -8.62
N LEU A 283 -35.45 12.79 -7.73
CA LEU A 283 -35.43 13.54 -6.48
C LEU A 283 -34.25 13.13 -5.61
N THR A 284 -33.95 11.84 -5.52
CA THR A 284 -32.82 11.39 -4.72
C THR A 284 -31.50 11.96 -5.26
N MET A 285 -31.33 11.93 -6.58
CA MET A 285 -30.12 12.43 -7.21
C MET A 285 -30.00 13.95 -7.06
N SER A 286 -31.12 14.66 -7.19
CA SER A 286 -31.09 16.10 -6.98
C SER A 286 -30.73 16.45 -5.54
N ILE A 287 -31.27 15.70 -4.57
CA ILE A 287 -30.93 15.92 -3.18
C ILE A 287 -29.45 15.64 -2.95
N CYS A 288 -28.93 14.56 -3.52
CA CYS A 288 -27.51 14.23 -3.36
C CYS A 288 -26.62 15.31 -3.96
N TYR A 289 -27.00 15.82 -5.13
CA TYR A 289 -26.18 16.85 -5.78
C TYR A 289 -26.26 18.18 -5.04
N LEU A 290 -27.43 18.52 -4.50
CA LEU A 290 -27.57 19.75 -3.73
C LEU A 290 -26.94 19.63 -2.35
N CYS A 291 -26.71 18.41 -1.86
CA CYS A 291 -25.96 18.21 -0.64
C CYS A 291 -24.45 18.17 -0.88
N LEU A 292 -24.02 17.72 -2.07
CA LEU A 292 -22.61 17.82 -2.42
C LEU A 292 -22.17 19.28 -2.48
N ILE A 293 -23.00 20.14 -3.07
CA ILE A 293 -22.76 21.58 -3.08
C ILE A 293 -23.32 22.16 -1.78
N PHE A 294 -22.78 23.32 -1.37
CA PHE A 294 -23.13 24.03 -0.15
C PHE A 294 -22.64 23.31 1.10
N LYS A 295 -22.06 22.12 0.97
CA LYS A 295 -21.46 21.41 2.09
C LYS A 295 -19.97 21.19 1.94
N VAL A 296 -19.45 21.21 0.71
CA VAL A 296 -18.01 21.10 0.48
C VAL A 296 -17.45 22.51 0.47
N LYS A 297 -16.64 22.84 1.49
CA LYS A 297 -16.03 24.15 1.56
C LYS A 297 -14.94 24.29 0.49
N LYS A 298 -14.64 25.54 0.15
CA LYS A 298 -13.67 25.87 -0.90
C LYS A 298 -14.09 25.23 -2.22
N ARG A 299 -15.19 25.75 -2.76
CA ARG A 299 -15.84 25.13 -3.91
C ARG A 299 -15.05 25.39 -5.19
N SER A 300 -13.80 24.90 -5.21
CA SER A 300 -12.98 24.88 -6.41
C SER A 300 -12.27 23.55 -6.60
N ILE A 301 -12.23 22.70 -5.58
CA ILE A 301 -11.63 21.37 -5.72
C ILE A 301 -12.49 20.49 -6.62
N LEU A 302 -13.80 20.72 -6.64
CA LEU A 302 -14.67 19.93 -7.52
C LEU A 302 -14.51 20.35 -8.98
N ILE A 303 -14.20 21.61 -9.23
CA ILE A 303 -14.09 22.11 -10.60
C ILE A 303 -12.78 21.70 -11.24
N SER A 304 -11.79 21.27 -10.45
CA SER A 304 -10.44 21.05 -10.94
C SER A 304 -10.33 19.78 -11.79
N SER A 305 -11.10 19.71 -12.87
CA SER A 305 -10.94 18.69 -13.91
C SER A 305 -10.96 17.27 -13.34
N ARG A 306 -11.89 17.01 -12.43
CA ARG A 306 -12.07 15.68 -11.89
C ARG A 306 -13.31 15.04 -12.51
N HIS A 307 -13.62 13.81 -12.08
CA HIS A 307 -14.69 13.04 -12.70
C HIS A 307 -16.08 13.49 -12.29
N PHE A 308 -16.20 14.58 -11.51
CA PHE A 308 -17.51 15.09 -11.16
C PHE A 308 -18.29 15.50 -12.41
N TRP A 309 -17.62 16.15 -13.36
CA TRP A 309 -18.27 16.50 -14.61
C TRP A 309 -18.65 15.27 -15.42
N THR A 310 -17.84 14.21 -15.33
CA THR A 310 -18.17 12.98 -16.05
C THR A 310 -19.52 12.41 -15.63
N ILE A 311 -19.76 12.36 -14.32
CA ILE A 311 -21.05 11.88 -13.82
C ILE A 311 -22.14 12.90 -14.12
N LEU A 312 -21.84 14.19 -13.94
CA LEU A 312 -22.86 15.23 -14.09
C LEU A 312 -23.39 15.29 -15.51
N VAL A 313 -22.51 15.15 -16.50
CA VAL A 313 -22.93 15.20 -17.90
C VAL A 313 -23.87 14.04 -18.21
N VAL A 314 -23.53 12.85 -17.75
CA VAL A 314 -24.39 11.68 -17.98
C VAL A 314 -25.74 11.86 -17.30
N VAL A 315 -25.74 12.36 -16.07
CA VAL A 315 -27.00 12.58 -15.36
C VAL A 315 -27.87 13.60 -16.10
N VAL A 316 -27.26 14.71 -16.53
CA VAL A 316 -28.01 15.75 -17.22
C VAL A 316 -28.58 15.22 -18.53
N ALA A 317 -27.77 14.49 -19.30
CA ALA A 317 -28.25 13.94 -20.57
C ALA A 317 -29.39 12.96 -20.35
N PHE A 318 -29.26 12.08 -19.35
CA PHE A 318 -30.32 11.11 -19.08
C PHE A 318 -31.61 11.81 -18.69
N VAL A 319 -31.52 12.81 -17.80
CA VAL A 319 -32.72 13.51 -17.35
C VAL A 319 -33.38 14.23 -18.52
N VAL A 320 -32.57 14.93 -19.33
CA VAL A 320 -33.11 15.68 -20.46
C VAL A 320 -33.79 14.75 -21.46
N CYS A 321 -33.17 13.59 -21.73
CA CYS A 321 -33.71 12.68 -22.73
C CYS A 321 -34.94 11.95 -22.23
N TRP A 322 -35.02 11.64 -20.93
CA TRP A 322 -36.12 10.86 -20.41
C TRP A 322 -37.25 11.69 -19.81
N THR A 323 -37.09 13.01 -19.69
CA THR A 323 -38.22 13.79 -19.17
C THR A 323 -39.38 13.95 -20.16
N PRO A 324 -39.16 14.13 -21.48
CA PRO A 324 -40.33 14.37 -22.34
C PRO A 324 -41.25 13.16 -22.44
N TYR A 325 -40.69 11.95 -22.42
CA TYR A 325 -41.51 10.74 -22.49
C TYR A 325 -42.44 10.65 -21.29
N HIS A 326 -41.90 10.82 -20.09
CA HIS A 326 -42.72 10.75 -18.88
C HIS A 326 -43.74 11.88 -18.83
N LEU A 327 -43.33 13.09 -19.22
CA LEU A 327 -44.27 14.22 -19.21
C LEU A 327 -45.42 13.99 -20.19
N PHE A 328 -45.11 13.49 -21.39
CA PHE A 328 -46.15 13.20 -22.36
C PHE A 328 -47.08 12.09 -21.87
N SER A 329 -46.52 11.05 -21.25
CA SER A 329 -47.35 9.97 -20.73
C SER A 329 -48.30 10.47 -19.66
N ILE A 330 -47.80 11.30 -18.73
CA ILE A 330 -48.66 11.81 -17.67
C ILE A 330 -49.70 12.78 -18.22
N TRP A 331 -49.32 13.60 -19.20
CA TRP A 331 -50.31 14.48 -19.82
C TRP A 331 -51.40 13.67 -20.52
N GLU A 332 -51.03 12.59 -21.21
CA GLU A 332 -52.01 11.72 -21.84
C GLU A 332 -52.92 11.09 -20.81
N LEU A 333 -52.36 10.65 -19.68
CA LEU A 333 -53.19 10.11 -18.60
C LEU A 333 -54.16 11.16 -18.08
N THR A 334 -53.68 12.39 -17.90
CA THR A 334 -54.51 13.43 -17.29
C THR A 334 -55.66 13.85 -18.21
N ILE A 335 -55.38 14.05 -19.49
CA ILE A 335 -56.37 14.60 -20.40
C ILE A 335 -56.96 13.53 -21.33
N HIS A 336 -56.73 12.25 -21.05
CA HIS A 336 -57.33 11.21 -21.87
C HIS A 336 -58.81 11.04 -21.56
N HIS A 337 -59.19 11.11 -20.29
CA HIS A 337 -60.58 10.93 -19.89
C HIS A 337 -61.42 12.19 -20.08
N ASN A 338 -60.79 13.34 -20.33
CA ASN A 338 -61.54 14.57 -20.52
C ASN A 338 -62.16 14.64 -21.91
N SER A 339 -61.32 14.59 -22.94
CA SER A 339 -61.77 14.66 -24.33
C SER A 339 -60.63 14.15 -25.22
N TYR A 340 -60.83 14.29 -26.53
CA TYR A 340 -59.82 13.89 -27.52
C TYR A 340 -59.35 15.08 -28.33
N SER A 341 -59.38 16.28 -27.74
CA SER A 341 -58.98 17.49 -28.45
C SER A 341 -57.49 17.54 -28.71
N HIS A 342 -56.68 16.80 -27.95
CA HIS A 342 -55.23 16.83 -28.10
C HIS A 342 -54.84 16.02 -29.33
N HIS A 343 -54.67 16.71 -30.46
CA HIS A 343 -54.23 16.06 -31.69
C HIS A 343 -52.72 15.96 -31.79
N VAL A 344 -51.99 16.91 -31.21
CA VAL A 344 -50.53 16.89 -31.25
C VAL A 344 -49.95 15.76 -30.42
N MET A 345 -50.73 15.20 -29.49
CA MET A 345 -50.24 14.11 -28.65
C MET A 345 -49.90 12.89 -29.49
N GLN A 346 -50.69 12.62 -30.53
CA GLN A 346 -50.43 11.47 -31.39
C GLN A 346 -49.08 11.59 -32.09
N ALA A 347 -48.74 12.80 -32.55
CA ALA A 347 -47.47 13.05 -33.22
C ALA A 347 -46.41 13.59 -32.29
N GLY A 348 -46.70 13.69 -30.99
CA GLY A 348 -45.74 14.22 -30.04
C GLY A 348 -44.91 13.16 -29.34
N ILE A 349 -45.57 12.09 -28.89
CA ILE A 349 -44.90 11.01 -28.18
C ILE A 349 -43.94 10.21 -29.06
N PRO A 350 -44.10 10.12 -30.38
CA PRO A 350 -43.07 9.42 -31.17
C PRO A 350 -41.70 10.07 -31.08
N LEU A 351 -41.63 11.39 -30.86
CA LEU A 351 -40.33 12.03 -30.74
C LEU A 351 -39.61 11.60 -29.46
N SER A 352 -40.30 11.64 -28.33
CA SER A 352 -39.71 11.19 -27.07
C SER A 352 -39.40 9.71 -27.12
N THR A 353 -40.29 8.92 -27.71
CA THR A 353 -40.04 7.49 -27.94
C THR A 353 -39.05 7.40 -29.10
N GLY A 354 -37.78 7.51 -28.75
CA GLY A 354 -36.72 7.62 -29.73
C GLY A 354 -35.68 8.63 -29.30
N LEU A 355 -36.09 9.71 -28.65
CA LEU A 355 -35.13 10.52 -27.91
C LEU A 355 -34.61 9.74 -26.71
N ALA A 356 -35.50 9.07 -25.99
CA ALA A 356 -35.07 8.17 -24.91
C ALA A 356 -34.26 7.00 -25.43
N PHE A 357 -34.37 6.68 -26.72
CA PHE A 357 -33.58 5.59 -27.28
C PHE A 357 -32.20 6.07 -27.71
N LEU A 358 -32.13 7.27 -28.29
CA LEU A 358 -30.84 7.91 -28.57
C LEU A 358 -30.08 8.21 -27.28
N ASN A 359 -30.79 8.34 -26.16
CA ASN A 359 -30.10 8.46 -24.87
C ASN A 359 -29.22 7.24 -24.61
N SER A 360 -29.70 6.05 -24.96
CA SER A 360 -28.95 4.83 -24.70
C SER A 360 -27.63 4.78 -25.47
N CYS A 361 -27.51 5.54 -26.56
CA CYS A 361 -26.28 5.58 -27.33
C CYS A 361 -25.49 6.86 -27.12
N LEU A 362 -26.08 7.88 -26.50
CA LEU A 362 -25.37 9.15 -26.31
C LEU A 362 -24.17 9.00 -25.39
N ASN A 363 -24.16 8.01 -24.51
CA ASN A 363 -23.11 7.91 -23.49
C ASN A 363 -21.71 7.75 -24.09
N PRO A 364 -21.47 6.87 -25.07
CA PRO A 364 -20.12 6.85 -25.67
C PRO A 364 -19.71 8.17 -26.31
N ILE A 365 -20.65 8.89 -26.92
CA ILE A 365 -20.31 10.20 -27.49
C ILE A 365 -19.96 11.18 -26.37
N LEU A 366 -20.67 11.12 -25.25
CA LEU A 366 -20.32 11.97 -24.11
C LEU A 366 -18.93 11.64 -23.59
N TYR A 367 -18.59 10.35 -23.51
CA TYR A 367 -17.26 9.96 -23.07
C TYR A 367 -16.19 10.46 -24.03
N VAL A 368 -16.45 10.39 -25.33
CA VAL A 368 -15.51 10.93 -26.31
C VAL A 368 -15.35 12.43 -26.12
N LEU A 369 -16.46 13.15 -25.92
CA LEU A 369 -16.41 14.60 -25.83
C LEU A 369 -15.66 15.06 -24.59
N ILE A 370 -15.88 14.40 -23.45
CA ILE A 370 -15.32 14.86 -22.19
C ILE A 370 -13.92 14.30 -21.97
N SER A 371 -13.36 13.66 -22.99
CA SER A 371 -12.01 13.10 -22.90
C SER A 371 -11.22 13.53 -24.13
N LYS A 372 -10.22 14.38 -23.93
CA LYS A 372 -9.39 14.82 -25.05
C LYS A 372 -8.50 13.70 -25.57
N LYS A 373 -7.84 12.99 -24.65
CA LYS A 373 -6.92 11.93 -25.07
C LYS A 373 -7.64 10.83 -25.84
N PHE A 374 -8.83 10.45 -25.38
CA PHE A 374 -9.62 9.46 -26.10
C PHE A 374 -9.98 9.97 -27.49
N GLN A 375 -10.18 11.28 -27.62
CA GLN A 375 -10.36 11.88 -28.95
C GLN A 375 -9.10 11.70 -29.80
N ALA A 376 -7.93 11.87 -29.19
CA ALA A 376 -6.69 11.73 -29.95
C ALA A 376 -6.51 10.32 -30.48
N ARG A 377 -6.82 9.31 -29.66
CA ARG A 377 -6.67 7.92 -30.10
C ARG A 377 -7.79 7.53 -31.06
N PHE A 378 -8.97 8.14 -30.93
CA PHE A 378 -10.07 7.83 -31.85
C PHE A 378 -9.74 8.25 -33.27
N ARG A 379 -9.11 9.41 -33.44
CA ARG A 379 -8.74 9.87 -34.78
C ARG A 379 -7.67 8.99 -35.41
N SER A 380 -6.78 8.43 -34.59
CA SER A 380 -5.72 7.56 -35.10
C SER A 380 -6.29 6.24 -35.60
N SEP A 400 9.12 -0.57 -14.11
CA SEP A 400 9.51 -0.20 -12.76
CB SEP A 400 8.28 -0.17 -11.84
OG SEP A 400 8.66 0.08 -10.50
C SEP A 400 10.56 -1.15 -12.20
O SEP A 400 10.35 -2.36 -12.15
P SEP A 400 8.17 1.56 -10.06
O1P SEP A 400 6.62 1.74 -10.44
O2P SEP A 400 8.36 1.74 -8.47
O3P SEP A 400 9.05 2.66 -10.84
N CYS A 401 11.69 -0.59 -11.79
CA CYS A 401 12.78 -1.38 -11.22
C CYS A 401 12.64 -1.49 -9.71
N TPO A 402 13.64 -2.10 -9.07
CA TPO A 402 13.63 -2.29 -7.63
CB TPO A 402 13.77 -3.76 -7.29
CG2 TPO A 402 12.91 -4.09 -6.06
OG1 TPO A 402 13.32 -4.53 -8.40
P TPO A 402 14.43 -5.66 -8.70
O1P TPO A 402 13.82 -6.73 -9.51
O2P TPO A 402 14.94 -6.29 -7.30
O3P TPO A 402 15.67 -5.01 -9.49
C TPO A 402 14.73 -1.47 -6.97
O TPO A 402 15.75 -1.16 -7.59
N TPO A 403 14.53 -1.14 -5.69
CA TPO A 403 15.48 -0.33 -4.95
CB TPO A 403 14.79 0.35 -3.77
CG2 TPO A 403 15.81 1.03 -2.85
OG1 TPO A 403 13.87 1.34 -4.24
P TPO A 403 12.39 0.79 -3.94
O1P TPO A 403 12.43 -0.66 -3.68
O2P TPO A 403 11.43 1.08 -5.21
O3P TPO A 403 11.80 1.55 -2.65
C TPO A 403 16.66 -1.17 -4.46
O TPO A 403 16.48 -2.17 -3.78
N ALA A 404 17.87 -0.74 -4.79
CA ALA A 404 19.09 -1.42 -4.37
C ALA A 404 19.84 -0.60 -3.33
N SEP A 405 21.15 -0.78 -3.28
CA SEP A 405 21.98 -0.05 -2.32
CB SEP A 405 21.89 -0.69 -0.94
OG SEP A 405 22.43 -2.00 -0.94
C SEP A 405 23.44 0.00 -2.79
O SEP A 405 23.92 -0.93 -3.43
P SEP A 405 21.84 -2.86 0.29
O1P SEP A 405 22.80 -4.12 0.58
O2P SEP A 405 20.36 -3.38 -0.08
O3P SEP A 405 21.76 -1.93 1.60
N SEP A 406 24.13 1.09 -2.45
CA SEP A 406 25.53 1.24 -2.81
CB SEP A 406 25.68 2.19 -4.00
OG SEP A 406 25.23 1.58 -5.19
C SEP A 406 26.36 1.75 -1.64
O SEP A 406 25.90 2.56 -0.84
P SEP A 406 26.43 1.54 -6.26
O1P SEP A 406 27.38 0.27 -5.96
O2P SEP A 406 27.30 2.88 -6.14
O3P SEP A 406 25.83 1.41 -7.75
N SEP A 407 27.60 1.27 -1.54
CA SEP A 407 28.50 1.65 -0.46
CB SEP A 407 29.79 0.82 -0.54
OG SEP A 407 29.82 0.08 -1.75
C SEP A 407 28.85 3.13 -0.47
O SEP A 407 28.53 3.85 -1.41
P SEP A 407 31.23 0.30 -2.50
O1P SEP A 407 31.21 -0.46 -3.92
O2P SEP A 407 32.43 -0.28 -1.60
O3P SEP A 407 31.46 1.88 -2.75
N LEU A 408 29.50 3.58 0.59
CA LEU A 408 29.92 4.98 0.71
C LEU A 408 31.19 5.09 1.55
N ALA A 409 32.21 5.72 0.98
CA ALA A 409 33.51 5.79 1.64
C ALA A 409 33.48 6.78 2.79
N LYS A 410 33.98 6.34 3.95
CA LYS A 410 34.09 7.20 5.13
C LYS A 410 35.07 6.59 6.13
N THR B 6 28.86 3.08 5.91
CA THR B 6 27.72 3.88 5.48
C THR B 6 27.13 3.33 4.18
N ARG B 7 25.82 3.09 4.19
CA ARG B 7 25.12 2.53 3.04
C ARG B 7 23.97 3.46 2.65
N VAL B 8 23.80 3.66 1.34
CA VAL B 8 22.78 4.55 0.82
C VAL B 8 21.90 3.76 -0.15
N PHE B 9 20.66 4.24 -0.30
CA PHE B 9 19.69 3.58 -1.16
C PHE B 9 19.89 4.01 -2.62
N LYS B 10 19.44 3.15 -3.53
CA LYS B 10 19.62 3.38 -4.95
C LYS B 10 18.47 2.75 -5.72
N LYS B 11 17.85 3.54 -6.61
CA LYS B 11 16.86 3.03 -7.55
C LYS B 11 17.15 3.59 -8.93
N ALA B 12 16.85 2.80 -9.96
CA ALA B 12 17.13 3.15 -11.33
C ALA B 12 15.86 3.08 -12.17
N SER B 13 15.85 3.84 -13.25
CA SER B 13 14.73 3.82 -14.19
C SER B 13 14.78 2.55 -15.05
N PRO B 14 13.63 2.13 -15.56
CA PRO B 14 13.63 0.99 -16.50
C PRO B 14 14.48 1.24 -17.74
N ASN B 15 14.58 2.49 -18.18
CA ASN B 15 15.45 2.81 -19.30
C ASN B 15 16.91 2.53 -18.97
N GLY B 16 17.33 2.82 -17.76
CA GLY B 16 18.70 2.61 -17.33
C GLY B 16 19.61 3.81 -17.49
N LYS B 17 19.05 5.00 -17.70
CA LYS B 17 19.85 6.21 -17.85
C LYS B 17 19.70 7.17 -16.68
N LEU B 18 18.88 6.84 -15.69
CA LEU B 18 18.66 7.71 -14.54
C LEU B 18 18.69 6.88 -13.27
N THR B 19 19.32 7.43 -12.23
CA THR B 19 19.38 6.79 -10.93
C THR B 19 19.47 7.86 -9.85
N VAL B 20 18.63 7.73 -8.81
CA VAL B 20 18.58 8.69 -7.71
C VAL B 20 19.17 8.03 -6.48
N TYR B 21 20.19 8.66 -5.90
CA TYR B 21 20.84 8.18 -4.69
C TYR B 21 20.31 8.93 -3.48
N LEU B 22 19.67 8.22 -2.57
CA LEU B 22 19.25 8.78 -1.29
C LEU B 22 19.97 8.05 -0.16
N GLY B 23 20.24 8.79 0.91
CA GLY B 23 20.94 8.23 2.05
C GLY B 23 20.00 7.80 3.15
N LYS B 24 18.79 8.35 3.15
CA LYS B 24 17.79 8.03 4.16
C LYS B 24 16.41 8.17 3.54
N ARG B 25 15.46 7.39 4.07
CA ARG B 25 14.09 7.38 3.56
C ARG B 25 13.08 7.70 4.66
N ASP B 26 13.54 8.26 5.79
CA ASP B 26 12.69 8.64 6.91
C ASP B 26 13.08 10.05 7.33
N PHE B 27 12.45 11.05 6.72
CA PHE B 27 12.76 12.45 6.98
C PHE B 27 11.88 12.90 8.15
N VAL B 28 12.49 13.03 9.32
CA VAL B 28 11.73 13.24 10.55
C VAL B 28 11.16 14.65 10.57
N ASP B 29 9.87 14.77 10.86
CA ASP B 29 9.19 16.06 10.97
C ASP B 29 9.27 16.54 12.41
N HIS B 30 10.15 17.48 12.67
CA HIS B 30 10.07 18.26 13.90
C HIS B 30 8.96 19.30 13.74
N ILE B 31 8.30 19.63 14.85
CA ILE B 31 7.06 20.39 14.82
C ILE B 31 7.21 21.68 14.01
N ASP B 32 8.40 22.27 14.00
CA ASP B 32 8.62 23.52 13.27
C ASP B 32 9.77 23.44 12.26
N LEU B 33 10.33 22.26 12.01
CA LEU B 33 11.46 22.14 11.08
C LEU B 33 11.49 20.71 10.54
N VAL B 34 11.04 20.53 9.30
CA VAL B 34 11.11 19.23 8.64
C VAL B 34 12.52 19.02 8.10
N ASP B 35 12.95 17.76 8.08
CA ASP B 35 14.27 17.44 7.56
C ASP B 35 14.31 17.64 6.05
N PRO B 36 15.45 18.05 5.51
CA PRO B 36 15.56 18.29 4.06
C PRO B 36 15.77 17.00 3.28
N VAL B 37 15.15 16.94 2.11
CA VAL B 37 15.26 15.77 1.23
C VAL B 37 16.38 16.08 0.24
N ASP B 38 17.59 15.67 0.60
CA ASP B 38 18.78 15.87 -0.22
C ASP B 38 19.23 14.56 -0.84
N GLY B 39 19.68 14.63 -2.09
CA GLY B 39 20.12 13.44 -2.80
C GLY B 39 20.89 13.81 -4.04
N VAL B 40 21.33 12.78 -4.76
CA VAL B 40 22.15 12.94 -5.96
C VAL B 40 21.58 12.06 -7.06
N VAL B 41 21.47 12.63 -8.27
CA VAL B 41 21.01 11.92 -9.44
C VAL B 41 22.18 11.77 -10.41
N LEU B 42 22.33 10.57 -10.97
CA LEU B 42 23.44 10.24 -11.86
C LEU B 42 22.92 10.12 -13.29
N VAL B 43 23.57 10.81 -14.22
CA VAL B 43 23.14 10.88 -15.61
C VAL B 43 24.35 10.62 -16.52
N ASP B 44 24.11 9.92 -17.63
CA ASP B 44 25.15 9.70 -18.62
C ASP B 44 25.55 11.03 -19.27
N PRO B 45 26.77 11.10 -19.83
CA PRO B 45 27.12 12.28 -20.63
C PRO B 45 26.18 12.50 -21.80
N GLU B 46 25.70 11.41 -22.41
CA GLU B 46 24.65 11.51 -23.41
C GLU B 46 23.29 11.61 -22.73
N TYR B 47 22.22 11.61 -23.54
CA TYR B 47 20.84 11.69 -23.10
C TYR B 47 20.51 13.03 -22.45
N LEU B 48 21.48 13.95 -22.35
CA LEU B 48 21.26 15.25 -21.73
C LEU B 48 21.93 16.37 -22.52
N LYS B 49 22.17 16.18 -23.82
CA LYS B 49 22.86 17.20 -24.61
C LYS B 49 22.06 18.49 -24.70
N GLU B 50 20.75 18.38 -24.90
CA GLU B 50 19.88 19.54 -25.07
C GLU B 50 18.64 19.45 -24.18
N ARG B 51 18.72 18.69 -23.09
CA ARG B 51 17.61 18.52 -22.17
C ARG B 51 18.07 18.89 -20.76
N ARG B 52 17.14 18.76 -19.80
CA ARG B 52 17.40 19.12 -18.42
C ARG B 52 16.90 18.01 -17.51
N VAL B 53 17.49 17.94 -16.31
CA VAL B 53 17.10 16.97 -15.30
C VAL B 53 16.22 17.67 -14.28
N TYR B 54 15.03 17.13 -14.07
CA TYR B 54 14.06 17.70 -13.14
C TYR B 54 13.73 16.66 -12.07
N VAL B 55 13.79 17.09 -10.81
CA VAL B 55 13.43 16.25 -9.67
C VAL B 55 12.23 16.88 -8.99
N THR B 56 11.16 16.11 -8.84
CA THR B 56 9.90 16.60 -8.30
C THR B 56 9.52 15.81 -7.06
N LEU B 57 9.22 16.52 -5.97
CA LEU B 57 8.74 15.92 -4.74
C LEU B 57 7.27 16.29 -4.57
N THR B 58 6.42 15.27 -4.52
CA THR B 58 4.98 15.46 -4.48
C THR B 58 4.38 14.69 -3.32
N ALA B 59 3.46 15.33 -2.61
CA ALA B 59 2.67 14.69 -1.56
C ALA B 59 1.24 14.54 -2.08
N ALA B 60 0.74 13.32 -2.09
CA ALA B 60 -0.57 13.01 -2.62
C ALA B 60 -1.47 12.46 -1.52
N PHE B 61 -2.78 12.46 -1.81
CA PHE B 61 -3.80 12.00 -0.87
C PHE B 61 -4.69 10.97 -1.56
N ARG B 62 -4.05 9.95 -2.14
CA ARG B 62 -4.76 8.89 -2.84
C ARG B 62 -5.87 8.31 -1.99
N TYR B 63 -7.11 8.43 -2.48
CA TYR B 63 -8.29 7.97 -1.76
C TYR B 63 -9.07 6.91 -2.53
N GLY B 64 -8.51 6.40 -3.64
CA GLY B 64 -9.16 5.35 -4.40
C GLY B 64 -8.17 4.56 -5.22
N ARG B 65 -8.36 3.24 -5.30
CA ARG B 65 -7.41 2.35 -5.98
C ARG B 65 -7.80 2.11 -7.44
N GLU B 66 -8.01 3.20 -8.19
CA GLU B 66 -8.40 3.10 -9.60
C GLU B 66 -7.20 3.21 -10.54
N ASP B 67 -6.49 4.35 -10.48
CA ASP B 67 -5.33 4.61 -11.32
C ASP B 67 -5.67 4.46 -12.81
N LEU B 68 -6.61 5.29 -13.25
CA LEU B 68 -7.04 5.32 -14.65
C LEU B 68 -7.02 6.77 -15.12
N ASP B 69 -6.00 7.13 -15.90
CA ASP B 69 -5.83 8.50 -16.39
C ASP B 69 -6.53 8.69 -17.73
N VAL B 70 -7.83 8.43 -17.73
CA VAL B 70 -8.66 8.58 -18.92
C VAL B 70 -9.79 9.59 -18.72
N LEU B 71 -10.47 9.53 -17.57
CA LEU B 71 -11.59 10.42 -17.28
C LEU B 71 -11.48 10.95 -15.86
N GLY B 72 -10.26 11.25 -15.42
CA GLY B 72 -10.05 11.69 -14.06
C GLY B 72 -10.23 10.62 -13.02
N LEU B 73 -10.18 9.35 -13.42
CA LEU B 73 -10.34 8.23 -12.49
C LEU B 73 -8.99 7.77 -11.96
N THR B 74 -8.20 8.69 -11.43
CA THR B 74 -6.91 8.38 -10.84
C THR B 74 -6.88 8.50 -9.33
N PHE B 75 -7.66 9.42 -8.76
CA PHE B 75 -7.77 9.58 -7.30
C PHE B 75 -6.41 9.78 -6.66
N ARG B 76 -5.56 10.59 -7.29
CA ARG B 76 -4.21 10.85 -6.83
C ARG B 76 -3.97 12.35 -6.73
N LYS B 77 -4.89 13.05 -6.07
CA LYS B 77 -4.80 14.49 -5.97
C LYS B 77 -3.57 14.91 -5.19
N ASP B 78 -2.84 15.89 -5.73
CA ASP B 78 -1.60 16.35 -5.11
C ASP B 78 -1.89 17.34 -3.99
N LEU B 79 -0.97 17.41 -3.03
CA LEU B 79 -1.08 18.33 -1.91
C LEU B 79 0.08 19.33 -1.83
N PHE B 80 1.26 18.95 -2.29
CA PHE B 80 2.42 19.83 -2.24
C PHE B 80 3.40 19.39 -3.32
N VAL B 81 3.65 20.28 -4.29
CA VAL B 81 4.51 19.98 -5.43
C VAL B 81 5.71 20.92 -5.38
N ALA B 82 6.91 20.34 -5.38
CA ALA B 82 8.15 21.11 -5.38
C ALA B 82 9.01 20.66 -6.55
N ASN B 83 9.51 21.62 -7.33
CA ASN B 83 10.34 21.34 -8.49
C ASN B 83 11.66 22.07 -8.36
N VAL B 84 12.75 21.36 -8.69
CA VAL B 84 14.10 21.92 -8.65
C VAL B 84 14.82 21.57 -9.94
N GLN B 85 15.86 22.35 -10.24
CA GLN B 85 16.71 22.13 -11.40
C GLN B 85 18.05 21.61 -10.92
N SER B 86 18.40 20.39 -11.33
CA SER B 86 19.62 19.75 -10.89
C SER B 86 20.77 19.97 -11.86
N PHE B 87 20.59 19.54 -13.11
CA PHE B 87 21.67 19.67 -14.10
C PHE B 87 22.04 21.13 -14.38
N PRO B 88 21.09 22.04 -14.65
CA PRO B 88 21.49 23.45 -14.86
C PRO B 88 21.83 24.11 -13.54
N PRO B 89 23.06 24.64 -13.41
CA PRO B 89 23.50 25.30 -12.18
C PRO B 89 23.11 26.78 -12.15
N LYS B 95 23.25 27.82 -2.14
CA LYS B 95 23.08 26.87 -1.04
C LYS B 95 24.23 25.88 -0.98
N PRO B 96 24.80 25.68 0.20
CA PRO B 96 25.92 24.76 0.35
C PRO B 96 25.45 23.31 0.43
N LEU B 97 26.17 22.43 -0.24
CA LEU B 97 25.84 21.01 -0.21
C LEU B 97 26.17 20.40 1.14
N THR B 98 25.35 19.44 1.56
CA THR B 98 25.57 18.76 2.82
C THR B 98 26.69 17.72 2.67
N ARG B 99 27.05 17.09 3.79
CA ARG B 99 28.13 16.11 3.77
C ARG B 99 27.75 14.89 2.91
N LEU B 100 26.50 14.46 2.98
CA LEU B 100 26.07 13.30 2.20
C LEU B 100 26.17 13.58 0.70
N GLN B 101 25.74 14.77 0.27
CA GLN B 101 25.82 15.11 -1.15
C GLN B 101 27.26 15.22 -1.62
N GLU B 102 28.14 15.80 -0.79
CA GLU B 102 29.55 15.92 -1.16
C GLU B 102 30.20 14.55 -1.31
N ARG B 103 29.92 13.64 -0.39
CA ARG B 103 30.50 12.30 -0.47
C ARG B 103 29.93 11.53 -1.66
N LEU B 104 28.64 11.68 -1.93
CA LEU B 104 28.03 10.99 -3.06
C LEU B 104 28.60 11.48 -4.39
N ILE B 105 28.82 12.79 -4.51
CA ILE B 105 29.38 13.34 -5.75
C ILE B 105 30.79 12.82 -5.98
N LYS B 106 31.62 12.79 -4.91
CA LYS B 106 32.98 12.31 -5.04
C LYS B 106 33.01 10.83 -5.43
N LYS B 107 32.14 10.02 -4.83
CA LYS B 107 32.11 8.60 -5.15
C LYS B 107 31.64 8.35 -6.59
N LEU B 108 30.61 9.07 -7.03
CA LEU B 108 30.04 8.83 -8.35
C LEU B 108 30.91 9.42 -9.46
N GLY B 109 31.10 10.73 -9.43
CA GLY B 109 31.92 11.39 -10.42
C GLY B 109 31.41 12.80 -10.68
N GLU B 110 31.88 13.37 -11.80
CA GLU B 110 31.51 14.73 -12.15
C GLU B 110 30.08 14.81 -12.67
N HIS B 111 29.51 13.71 -13.16
CA HIS B 111 28.13 13.70 -13.65
C HIS B 111 27.15 13.36 -12.53
N ALA B 112 27.25 14.09 -11.42
CA ALA B 112 26.40 13.87 -10.26
C ALA B 112 25.81 15.21 -9.84
N TYR B 113 24.50 15.36 -10.07
CA TYR B 113 23.83 16.63 -9.79
C TYR B 113 23.04 16.51 -8.51
N PRO B 114 23.31 17.33 -7.49
CA PRO B 114 22.58 17.22 -6.23
C PRO B 114 21.29 18.03 -6.22
N PHE B 115 20.26 17.44 -5.63
CA PHE B 115 18.97 18.09 -5.47
C PHE B 115 18.61 18.16 -3.98
N THR B 116 18.02 19.28 -3.58
CA THR B 116 17.63 19.49 -2.18
C THR B 116 16.21 20.02 -2.14
N PHE B 117 15.39 19.45 -1.27
CA PHE B 117 14.00 19.84 -1.09
C PHE B 117 13.78 20.34 0.33
N GLU B 118 13.05 21.44 0.46
CA GLU B 118 12.66 21.98 1.76
C GLU B 118 11.16 21.79 1.92
N ILE B 119 10.76 21.16 3.02
CA ILE B 119 9.36 20.86 3.30
C ILE B 119 8.82 21.95 4.24
N PRO B 120 7.80 22.71 3.82
CA PRO B 120 7.22 23.69 4.73
C PRO B 120 6.56 23.01 5.91
N PRO B 121 6.54 23.66 7.07
CA PRO B 121 5.92 23.04 8.25
C PRO B 121 4.41 22.97 8.14
N ASN B 122 3.76 22.33 9.12
CA ASN B 122 2.31 22.17 9.15
C ASN B 122 1.81 21.44 7.90
N LEU B 123 2.33 20.23 7.72
CA LEU B 123 1.95 19.36 6.62
C LEU B 123 1.63 17.97 7.14
N PRO B 124 0.73 17.24 6.47
CA PRO B 124 0.39 15.89 6.92
C PRO B 124 1.56 14.94 6.78
N SER B 125 1.58 13.94 7.65
CA SER B 125 2.61 12.90 7.62
C SER B 125 2.12 11.71 6.81
N SER B 126 3.01 10.74 6.62
CA SER B 126 2.69 9.55 5.82
C SER B 126 1.79 8.63 6.63
N VAL B 127 0.49 8.67 6.34
CA VAL B 127 -0.49 7.80 6.98
C VAL B 127 -1.26 7.08 5.89
N THR B 128 -1.33 5.76 5.97
CA THR B 128 -2.04 4.93 5.00
C THR B 128 -3.13 4.14 5.71
N LEU B 129 -4.34 4.21 5.19
CA LEU B 129 -5.45 3.45 5.75
C LEU B 129 -5.28 1.96 5.47
N GLN B 130 -5.85 1.14 6.34
CA GLN B 130 -5.74 -0.31 6.20
C GLN B 130 -6.51 -0.76 4.97
N PRO B 131 -5.86 -1.44 4.01
CA PRO B 131 -6.56 -1.81 2.76
C PRO B 131 -7.67 -2.83 2.98
N GLY B 132 -7.33 -3.97 3.58
CA GLY B 132 -8.26 -5.05 3.73
C GLY B 132 -7.75 -6.33 3.10
N PRO B 133 -8.40 -7.46 3.40
CA PRO B 133 -7.91 -8.75 2.89
C PRO B 133 -8.02 -8.89 1.38
N GLU B 134 -9.20 -8.66 0.82
CA GLU B 134 -9.46 -8.92 -0.59
C GLU B 134 -9.33 -7.63 -1.40
N ASP B 135 -8.09 -7.14 -1.46
CA ASP B 135 -7.77 -5.97 -2.26
C ASP B 135 -6.45 -6.19 -2.99
N THR B 136 -6.33 -5.61 -4.18
CA THR B 136 -5.12 -5.70 -4.98
C THR B 136 -4.74 -4.35 -5.58
N GLY B 137 -5.03 -3.26 -4.88
CA GLY B 137 -4.74 -1.93 -5.35
C GLY B 137 -3.79 -1.19 -4.43
N LYS B 138 -3.57 0.08 -4.77
CA LYS B 138 -2.66 0.91 -4.00
C LYS B 138 -3.30 1.32 -2.67
N ALA B 139 -2.44 1.58 -1.69
CA ALA B 139 -2.91 1.97 -0.37
C ALA B 139 -3.52 3.36 -0.41
N ILE B 140 -4.55 3.56 0.42
CA ILE B 140 -5.26 4.83 0.51
C ILE B 140 -4.70 5.61 1.68
N GLY B 141 -4.26 6.83 1.41
CA GLY B 141 -3.73 7.70 2.45
C GLY B 141 -2.76 8.71 1.87
N VAL B 142 -2.10 9.43 2.77
CA VAL B 142 -1.14 10.44 2.37
C VAL B 142 0.19 9.75 2.05
N ASP B 143 0.75 10.07 0.88
CA ASP B 143 1.99 9.47 0.42
C ASP B 143 2.90 10.54 -0.15
N TYR B 144 4.18 10.44 0.15
CA TYR B 144 5.20 11.35 -0.36
C TYR B 144 6.01 10.65 -1.45
N GLU B 145 6.13 11.29 -2.60
CA GLU B 145 6.73 10.68 -3.78
C GLU B 145 7.84 11.57 -4.31
N VAL B 146 9.00 10.98 -4.57
CA VAL B 146 10.14 11.67 -5.18
C VAL B 146 10.25 11.17 -6.61
N LYS B 147 10.07 12.07 -7.57
CA LYS B 147 10.09 11.73 -8.99
C LYS B 147 11.17 12.54 -9.69
N ALA B 148 12.04 11.83 -10.42
CA ALA B 148 13.09 12.46 -11.20
C ALA B 148 12.96 12.02 -12.66
N PHE B 149 13.01 12.97 -13.57
CA PHE B 149 12.84 12.70 -14.99
C PHE B 149 13.71 13.67 -15.79
N VAL B 150 13.74 13.47 -17.10
CA VAL B 150 14.49 14.31 -18.02
C VAL B 150 13.50 15.00 -18.95
N ALA B 151 13.46 16.33 -18.88
CA ALA B 151 12.56 17.11 -19.72
C ALA B 151 13.13 18.52 -19.84
N GLU B 152 12.62 19.26 -20.84
CA GLU B 152 13.07 20.62 -21.10
C GLU B 152 11.92 21.62 -21.12
N ASN B 153 10.71 21.22 -20.73
CA ASN B 153 9.57 22.13 -20.74
C ASN B 153 8.73 22.07 -19.47
N LEU B 154 8.91 21.08 -18.61
CA LEU B 154 8.17 20.91 -17.36
C LEU B 154 6.68 20.71 -17.58
N GLU B 155 6.24 20.52 -18.82
CA GLU B 155 4.83 20.29 -19.13
C GLU B 155 4.57 19.12 -20.06
N GLU B 156 5.57 18.63 -20.78
CA GLU B 156 5.38 17.49 -21.67
C GLU B 156 5.15 16.22 -20.86
N LYS B 157 4.39 15.30 -21.45
CA LYS B 157 4.12 14.03 -20.79
C LYS B 157 5.40 13.20 -20.70
N ILE B 158 5.60 12.58 -19.54
CA ILE B 158 6.78 11.77 -19.27
C ILE B 158 6.35 10.31 -19.15
N HIS B 159 7.06 9.42 -19.85
CA HIS B 159 6.76 8.01 -19.79
C HIS B 159 7.24 7.40 -18.47
N LYS B 160 6.58 6.32 -18.06
CA LYS B 160 6.98 5.63 -16.84
C LYS B 160 8.36 5.03 -16.97
N ARG B 161 8.70 4.53 -18.16
CA ARG B 161 10.02 3.94 -18.38
C ARG B 161 11.12 4.97 -18.23
N ASN B 162 10.92 6.17 -18.77
CA ASN B 162 11.92 7.23 -18.72
C ASN B 162 11.74 8.14 -17.51
N SER B 163 11.64 7.53 -16.33
CA SER B 163 11.47 8.29 -15.10
C SER B 163 11.85 7.41 -13.91
N VAL B 164 12.20 8.06 -12.81
CA VAL B 164 12.53 7.39 -11.56
C VAL B 164 11.55 7.86 -10.49
N ARG B 165 10.88 6.91 -9.84
CA ARG B 165 9.95 7.22 -8.76
C ARG B 165 10.42 6.51 -7.50
N LEU B 166 10.51 7.25 -6.39
CA LEU B 166 10.90 6.72 -5.10
C LEU B 166 9.93 7.20 -4.03
N VAL B 167 9.50 6.29 -3.18
CA VAL B 167 8.56 6.61 -2.11
C VAL B 167 9.35 6.91 -0.84
N ILE B 168 9.21 8.13 -0.35
CA ILE B 168 9.83 8.53 0.91
C ILE B 168 8.73 8.71 1.95
N GLU B 169 9.10 8.53 3.21
CA GLU B 169 8.14 8.58 4.31
C GLU B 169 8.61 9.59 5.35
N LYS B 170 7.68 10.46 5.75
CA LYS B 170 7.93 11.44 6.80
C LYS B 170 7.18 11.02 8.06
N VAL B 171 7.86 11.06 9.20
CA VAL B 171 7.34 10.53 10.45
C VAL B 171 7.58 11.55 11.57
N GLN B 172 6.94 11.28 12.70
CA GLN B 172 7.12 12.05 13.93
C GLN B 172 7.36 11.10 15.08
N TYR B 173 8.32 11.44 15.93
CA TYR B 173 8.72 10.58 17.05
C TYR B 173 8.31 11.22 18.37
N ALA B 174 8.49 10.44 19.44
CA ALA B 174 8.08 10.89 20.77
C ALA B 174 8.95 12.05 21.23
N PRO B 175 8.36 13.11 21.76
CA PRO B 175 9.17 14.21 22.30
C PRO B 175 9.94 13.76 23.54
N GLU B 176 11.11 14.36 23.73
CA GLU B 176 11.95 14.02 24.88
C GLU B 176 11.26 14.37 26.20
N ARG B 177 10.64 15.54 26.26
CA ARG B 177 9.98 15.98 27.48
C ARG B 177 8.61 15.33 27.60
N PRO B 178 8.33 14.58 28.66
CA PRO B 178 7.00 13.99 28.83
C PRO B 178 5.94 15.07 29.07
N GLY B 179 4.73 14.78 28.63
CA GLY B 179 3.63 15.70 28.78
C GLY B 179 2.96 15.58 30.12
N PRO B 180 2.01 16.48 30.38
CA PRO B 180 1.27 16.43 31.64
C PRO B 180 0.38 15.20 31.73
N GLN B 181 0.13 14.77 32.95
CA GLN B 181 -0.69 13.59 33.19
C GLN B 181 -2.14 13.87 32.82
N PRO B 182 -2.75 13.09 31.92
CA PRO B 182 -4.14 13.35 31.54
C PRO B 182 -5.10 13.05 32.70
N THR B 183 -6.00 13.99 32.96
CA THR B 183 -7.03 13.83 33.98
C THR B 183 -8.37 14.28 33.42
N ALA B 184 -9.44 13.70 33.98
CA ALA B 184 -10.79 14.06 33.56
C ALA B 184 -11.75 13.69 34.67
N GLU B 185 -12.81 14.50 34.83
CA GLU B 185 -13.81 14.27 35.85
C GLU B 185 -15.09 15.00 35.48
N THR B 186 -16.21 14.28 35.50
CA THR B 186 -17.52 14.85 35.20
C THR B 186 -18.51 14.47 36.28
N THR B 187 -19.49 15.35 36.50
CA THR B 187 -20.54 15.14 37.50
C THR B 187 -21.88 15.01 36.80
N ARG B 188 -22.64 14.00 37.17
CA ARG B 188 -23.97 13.76 36.60
C ARG B 188 -24.95 13.49 37.73
N GLN B 189 -26.20 13.91 37.50
CA GLN B 189 -27.26 13.71 38.48
C GLN B 189 -28.49 13.07 37.84
N PRO B 196 -24.26 12.73 43.42
CA PRO B 196 -23.91 12.70 42.00
C PRO B 196 -22.94 11.59 41.66
N LEU B 197 -22.99 11.10 40.42
CA LEU B 197 -22.12 10.02 39.96
C LEU B 197 -20.82 10.63 39.45
N HIS B 198 -19.95 10.97 40.40
CA HIS B 198 -18.66 11.58 40.08
C HIS B 198 -17.71 10.51 39.56
N LEU B 199 -17.30 10.65 38.30
CA LEU B 199 -16.43 9.69 37.63
C LEU B 199 -15.08 10.36 37.38
N GLU B 200 -14.03 9.81 38.00
CA GLU B 200 -12.67 10.29 37.81
C GLU B 200 -11.86 9.25 37.02
N ALA B 201 -11.04 9.75 36.09
CA ALA B 201 -10.21 8.88 35.27
C ALA B 201 -8.91 9.59 34.95
N SER B 202 -7.82 8.82 34.97
CA SER B 202 -6.50 9.39 34.69
C SER B 202 -5.55 8.26 34.30
N LEU B 203 -4.63 8.57 33.39
CA LEU B 203 -3.61 7.64 32.95
C LEU B 203 -2.33 7.85 33.74
N ASP B 204 -1.41 6.89 33.63
CA ASP B 204 -0.13 7.00 34.32
C ASP B 204 0.79 8.01 33.64
N LYS B 205 0.63 8.22 32.34
CA LYS B 205 1.45 9.18 31.60
C LYS B 205 0.68 9.59 30.35
N GLU B 206 1.28 10.53 29.60
CA GLU B 206 0.67 11.07 28.40
C GLU B 206 1.26 10.51 27.11
N ILE B 207 2.54 10.17 27.11
CA ILE B 207 3.21 9.63 25.93
C ILE B 207 3.34 8.12 26.08
N TYR B 208 2.88 7.40 25.06
CA TYR B 208 2.91 5.94 25.07
C TYR B 208 3.61 5.44 23.81
N TYR B 209 4.23 4.28 23.93
CA TYR B 209 4.91 3.62 22.82
C TYR B 209 4.05 2.51 22.24
N HIS B 210 4.32 2.17 20.99
CA HIS B 210 3.57 1.11 20.33
C HIS B 210 3.85 -0.24 20.98
N GLY B 211 2.79 -0.92 21.40
CA GLY B 211 2.91 -2.15 22.13
C GLY B 211 3.02 -2.00 23.63
N GLU B 212 3.30 -0.79 24.11
CA GLU B 212 3.38 -0.54 25.55
C GLU B 212 1.99 -0.47 26.14
N PRO B 213 1.72 -1.19 27.22
CA PRO B 213 0.36 -1.20 27.79
C PRO B 213 0.00 0.14 28.40
N ILE B 214 -1.30 0.43 28.39
CA ILE B 214 -1.86 1.67 28.92
C ILE B 214 -2.65 1.35 30.18
N SER B 215 -2.33 2.04 31.26
CA SER B 215 -3.00 1.85 32.54
C SER B 215 -3.90 3.05 32.81
N VAL B 216 -5.17 2.78 33.12
CA VAL B 216 -6.17 3.82 33.37
C VAL B 216 -6.80 3.57 34.73
N ASN B 217 -6.93 4.63 35.52
CA ASN B 217 -7.59 4.57 36.81
C ASN B 217 -9.07 4.90 36.64
N VAL B 218 -9.94 4.09 37.25
CA VAL B 218 -11.37 4.23 37.06
C VAL B 218 -11.98 4.48 38.44
N HIS B 219 -11.23 5.18 39.30
CA HIS B 219 -11.72 5.53 40.62
C HIS B 219 -13.00 6.35 40.52
N VAL B 220 -14.12 5.76 40.94
CA VAL B 220 -15.44 6.38 40.78
C VAL B 220 -16.20 6.25 42.10
N THR B 221 -16.94 7.30 42.44
CA THR B 221 -17.79 7.30 43.62
C THR B 221 -19.24 7.53 43.21
N ASN B 222 -20.16 6.91 43.92
CA ASN B 222 -21.58 7.00 43.62
C ASN B 222 -22.33 7.47 44.86
N ASN B 223 -23.29 8.36 44.65
CA ASN B 223 -24.10 8.90 45.74
C ASN B 223 -25.60 8.71 45.54
N THR B 224 -26.09 8.68 44.30
CA THR B 224 -27.50 8.50 44.06
C THR B 224 -27.92 7.06 44.30
N ASN B 225 -29.23 6.85 44.46
CA ASN B 225 -29.76 5.52 44.69
C ASN B 225 -29.68 4.64 43.44
N LYS B 226 -29.49 5.24 42.27
CA LYS B 226 -29.40 4.46 41.04
C LYS B 226 -28.09 3.68 41.02
N THR B 227 -28.16 2.45 40.52
CA THR B 227 -27.02 1.53 40.54
C THR B 227 -26.58 1.22 39.12
N VAL B 228 -25.28 1.26 38.88
CA VAL B 228 -24.71 0.88 37.59
C VAL B 228 -24.40 -0.62 37.63
N LYS B 229 -24.35 -1.23 36.43
CA LYS B 229 -24.11 -2.66 36.35
C LYS B 229 -23.17 -3.04 35.21
N LYS B 230 -22.52 -2.08 34.57
CA LYS B 230 -21.63 -2.38 33.45
C LYS B 230 -20.63 -1.25 33.28
N ILE B 231 -19.35 -1.60 33.16
CA ILE B 231 -18.29 -0.62 32.93
C ILE B 231 -17.64 -0.96 31.59
N LYS B 232 -17.62 0.02 30.69
CA LYS B 232 -17.06 -0.16 29.36
C LYS B 232 -15.86 0.76 29.18
N ILE B 233 -14.74 0.20 28.78
CA ILE B 233 -13.50 0.94 28.56
C ILE B 233 -12.98 0.59 27.18
N SER B 234 -12.63 1.62 26.39
CA SER B 234 -12.18 1.40 25.03
C SER B 234 -11.17 2.48 24.65
N VAL B 235 -10.22 2.09 23.80
CA VAL B 235 -9.27 3.02 23.21
C VAL B 235 -9.67 3.23 21.76
N ARG B 236 -9.94 4.48 21.39
CA ARG B 236 -10.46 4.80 20.07
C ARG B 236 -9.44 5.61 19.29
N GLN B 237 -9.38 5.37 17.99
CA GLN B 237 -8.50 6.09 17.08
C GLN B 237 -9.29 7.15 16.34
N TYR B 238 -8.84 8.40 16.43
CA TYR B 238 -9.53 9.55 15.84
C TYR B 238 -8.74 9.99 14.61
N ALA B 239 -9.14 9.50 13.44
CA ALA B 239 -8.47 9.81 12.18
C ALA B 239 -9.28 10.91 11.49
N ASP B 240 -8.82 12.16 11.64
CA ASP B 240 -9.50 13.30 11.04
C ASP B 240 -9.10 13.38 9.57
N ILE B 241 -10.02 13.04 8.68
CA ILE B 241 -9.79 13.06 7.24
C ILE B 241 -10.53 14.26 6.66
N VAL B 242 -9.80 15.13 5.96
CA VAL B 242 -10.38 16.31 5.35
C VAL B 242 -9.75 16.53 3.98
N LEU B 243 -10.50 16.25 2.92
CA LEU B 243 -10.14 16.59 1.55
C LEU B 243 -11.15 17.53 0.91
N PHE B 244 -12.42 17.14 0.92
CA PHE B 244 -13.50 18.00 0.45
C PHE B 244 -14.23 18.71 1.57
N ASN B 245 -14.37 18.06 2.72
CA ASN B 245 -14.97 18.65 3.90
C ASN B 245 -14.35 18.02 5.14
N THR B 246 -14.51 18.68 6.27
CA THR B 246 -13.95 18.18 7.52
C THR B 246 -14.75 16.98 8.00
N ALA B 247 -14.07 15.85 8.14
CA ALA B 247 -14.68 14.61 8.60
C ALA B 247 -13.80 13.95 9.64
N GLN B 248 -14.43 13.19 10.53
CA GLN B 248 -13.73 12.52 11.63
C GLN B 248 -14.15 11.06 11.66
N CYS B 249 -13.17 10.16 11.63
CA CYS B 249 -13.41 8.73 11.66
C CYS B 249 -12.97 8.20 13.03
N LYS B 250 -13.92 7.66 13.79
CA LYS B 250 -13.67 7.12 15.12
C LYS B 250 -13.74 5.60 15.05
N VAL B 251 -12.60 4.94 15.29
CA VAL B 251 -12.52 3.49 15.24
C VAL B 251 -11.86 3.00 16.53
N PRO B 252 -12.52 2.16 17.32
CA PRO B 252 -11.88 1.63 18.54
C PRO B 252 -10.80 0.61 18.20
N VAL B 253 -9.62 0.80 18.77
CA VAL B 253 -8.51 -0.13 18.55
C VAL B 253 -8.32 -1.10 19.72
N ALA B 254 -8.82 -0.76 20.91
CA ALA B 254 -8.76 -1.64 22.07
C ALA B 254 -10.12 -1.68 22.75
N MET B 255 -10.44 -2.84 23.31
CA MET B 255 -11.74 -3.04 23.94
C MET B 255 -11.57 -3.85 25.22
N GLU B 256 -12.26 -3.42 26.28
CA GLU B 256 -12.29 -4.14 27.55
C GLU B 256 -13.68 -3.98 28.15
N GLU B 257 -14.48 -5.04 28.11
CA GLU B 257 -15.85 -5.00 28.61
C GLU B 257 -15.88 -5.63 29.99
N ALA B 258 -15.57 -4.82 31.00
CA ALA B 258 -15.60 -5.28 32.38
C ALA B 258 -17.04 -5.37 32.87
N ASP B 259 -17.23 -6.19 33.91
CA ASP B 259 -18.53 -6.42 34.52
C ASP B 259 -18.53 -6.01 35.98
N ASP B 260 -17.89 -4.89 36.29
CA ASP B 260 -17.81 -4.39 37.65
C ASP B 260 -18.96 -3.44 37.95
N THR B 261 -19.50 -3.54 39.15
CA THR B 261 -20.61 -2.70 39.59
C THR B 261 -20.31 -2.15 40.98
N VAL B 262 -20.88 -0.97 41.27
CA VAL B 262 -20.69 -0.31 42.54
C VAL B 262 -22.06 -0.05 43.17
N ALA B 263 -22.17 -0.33 44.46
CA ALA B 263 -23.41 -0.11 45.18
C ALA B 263 -23.63 1.38 45.42
N PRO B 264 -24.88 1.80 45.61
CA PRO B 264 -25.14 3.20 45.93
C PRO B 264 -24.49 3.60 47.24
N SER B 265 -24.11 4.89 47.32
CA SER B 265 -23.44 5.45 48.50
C SER B 265 -22.14 4.70 48.82
N SER B 266 -21.36 4.42 47.77
CA SER B 266 -20.08 3.75 47.94
C SER B 266 -19.18 4.12 46.78
N THR B 267 -17.88 3.89 46.96
CA THR B 267 -16.86 4.21 45.97
C THR B 267 -16.33 2.93 45.34
N PHE B 268 -15.58 3.10 44.24
CA PHE B 268 -15.00 1.98 43.53
C PHE B 268 -13.76 2.47 42.79
N SER B 269 -12.61 1.88 43.10
CA SER B 269 -11.34 2.24 42.47
C SER B 269 -10.70 0.99 41.89
N LYS B 270 -10.27 1.08 40.63
CA LYS B 270 -9.65 -0.05 39.96
C LYS B 270 -8.76 0.48 38.84
N VAL B 271 -7.74 -0.30 38.49
CA VAL B 271 -6.80 0.03 37.43
C VAL B 271 -6.94 -1.01 36.32
N TYR B 272 -7.14 -0.54 35.10
CA TYR B 272 -7.32 -1.40 33.94
C TYR B 272 -6.15 -1.23 32.99
N THR B 273 -5.72 -2.34 32.38
CA THR B 273 -4.59 -2.37 31.46
C THR B 273 -5.09 -2.61 30.05
N LEU B 274 -4.66 -1.77 29.11
CA LEU B 274 -5.04 -1.89 27.71
C LEU B 274 -3.80 -1.82 26.84
N THR B 275 -3.85 -2.51 25.71
CA THR B 275 -2.74 -2.51 24.76
C THR B 275 -3.27 -2.60 23.33
N PRO B 276 -3.20 -1.51 22.56
CA PRO B 276 -3.63 -1.59 21.15
C PRO B 276 -2.61 -2.34 20.30
N PHE B 277 -3.13 -3.20 19.42
CA PHE B 277 -2.28 -3.95 18.50
C PHE B 277 -3.12 -4.34 17.29
N LEU B 278 -2.42 -4.71 16.22
CA LEU B 278 -3.06 -4.94 14.92
C LEU B 278 -3.54 -6.37 14.73
N ALA B 279 -3.19 -7.30 15.62
CA ALA B 279 -3.60 -8.69 15.43
C ALA B 279 -5.12 -8.84 15.49
N ASN B 280 -5.76 -8.14 16.42
CA ASN B 280 -7.22 -8.20 16.53
C ASN B 280 -7.92 -7.14 15.68
N ASN B 281 -7.28 -6.00 15.44
CA ASN B 281 -7.85 -4.95 14.60
C ASN B 281 -7.42 -5.12 13.15
N ARG B 282 -7.63 -6.32 12.61
CA ARG B 282 -7.23 -6.64 11.23
C ARG B 282 -8.40 -6.60 10.25
N GLU B 283 -9.61 -6.89 10.72
CA GLU B 283 -10.79 -6.86 9.86
C GLU B 283 -11.40 -5.47 9.73
N LYS B 284 -10.84 -4.48 10.42
CA LYS B 284 -11.37 -3.11 10.40
C LYS B 284 -10.84 -2.40 9.17
N ARG B 285 -11.62 -2.40 8.09
CA ARG B 285 -11.22 -1.71 6.87
C ARG B 285 -11.21 -0.21 7.09
N GLY B 286 -10.23 0.46 6.50
CA GLY B 286 -10.09 1.90 6.63
C GLY B 286 -9.38 2.37 7.88
N LEU B 287 -8.88 1.45 8.70
CA LEU B 287 -8.14 1.85 9.90
C LEU B 287 -6.82 2.51 9.51
N ALA B 288 -6.49 3.61 10.19
CA ALA B 288 -5.30 4.36 9.87
C ALA B 288 -4.06 3.62 10.37
N LEU B 289 -3.07 3.47 9.49
CA LEU B 289 -1.80 2.84 9.81
C LEU B 289 -0.66 3.76 9.38
N ASP B 290 0.56 3.34 9.71
CA ASP B 290 1.74 4.11 9.33
C ASP B 290 1.98 4.01 7.82
N GLY B 291 2.83 4.90 7.32
CA GLY B 291 3.12 4.90 5.90
C GLY B 291 3.75 3.59 5.45
N LYS B 292 3.35 3.13 4.26
CA LYS B 292 3.81 1.87 3.71
C LYS B 292 4.57 2.14 2.42
N LEU B 293 5.83 1.71 2.37
CA LEU B 293 6.58 1.78 1.11
C LEU B 293 6.10 0.72 0.13
N LYS B 294 5.83 -0.48 0.62
CA LYS B 294 5.34 -1.58 -0.22
C LYS B 294 4.13 -2.23 0.46
N HIS B 295 3.71 -3.38 -0.07
CA HIS B 295 2.55 -4.09 0.46
C HIS B 295 2.79 -4.69 1.85
N GLU B 296 3.94 -4.46 2.47
CA GLU B 296 4.19 -4.98 3.80
C GLU B 296 3.30 -4.29 4.83
N ASP B 297 3.10 -4.97 5.96
CA ASP B 297 2.25 -4.45 7.02
C ASP B 297 3.03 -3.53 7.96
N THR B 298 2.32 -2.58 8.55
CA THR B 298 2.88 -1.64 9.50
C THR B 298 1.94 -1.53 10.70
N ASN B 299 2.47 -0.99 11.80
CA ASN B 299 1.70 -0.84 13.01
C ASN B 299 0.64 0.24 12.86
N LEU B 300 -0.11 0.48 13.94
CA LEU B 300 -1.12 1.52 13.95
C LEU B 300 -0.49 2.89 13.74
N ALA B 301 -1.22 3.77 13.06
CA ALA B 301 -0.72 5.11 12.79
C ALA B 301 -0.48 5.86 14.09
N SER B 302 0.66 6.54 14.17
CA SER B 302 1.01 7.33 15.35
C SER B 302 0.24 8.65 15.34
N SER B 303 0.24 9.32 16.49
CA SER B 303 -0.42 10.61 16.60
C SER B 303 0.31 11.66 15.76
N THR B 304 -0.39 12.75 15.49
CA THR B 304 0.15 13.84 14.69
C THR B 304 0.36 15.06 15.59
N LEU B 305 1.62 15.48 15.73
CA LEU B 305 1.95 16.65 16.52
C LEU B 305 1.78 17.90 15.66
N LEU B 306 1.11 18.91 16.22
CA LEU B 306 0.79 20.12 15.49
C LEU B 306 1.13 21.34 16.33
N ARG B 307 1.41 22.45 15.66
CA ARG B 307 1.71 23.70 16.34
C ARG B 307 0.48 24.19 17.10
N GLU B 308 0.72 24.70 18.31
CA GLU B 308 -0.36 25.17 19.17
C GLU B 308 -0.76 26.59 18.76
N GLY B 309 -1.99 26.74 18.28
CA GLY B 309 -2.52 28.04 17.93
C GLY B 309 -2.13 28.52 16.55
N ALA B 310 -0.88 28.30 16.16
CA ALA B 310 -0.36 28.77 14.89
C ALA B 310 -0.54 27.75 13.77
N ASN B 311 -1.51 26.84 13.90
CA ASN B 311 -1.78 25.82 12.89
C ASN B 311 -3.24 25.93 12.47
N ARG B 312 -3.46 26.08 11.16
CA ARG B 312 -4.81 26.09 10.61
C ARG B 312 -5.24 24.65 10.35
N GLU B 313 -6.33 24.48 9.61
CA GLU B 313 -6.76 23.13 9.25
C GLU B 313 -5.73 22.46 8.36
N ILE B 314 -5.44 21.19 8.65
CA ILE B 314 -4.43 20.42 7.94
C ILE B 314 -5.16 19.49 6.98
N LEU B 315 -5.11 19.80 5.69
CA LEU B 315 -5.84 19.04 4.68
C LEU B 315 -5.12 17.70 4.49
N GLY B 316 -5.69 16.65 5.06
CA GLY B 316 -5.08 15.33 5.02
C GLY B 316 -5.68 14.44 6.10
N ILE B 317 -4.87 13.52 6.60
CA ILE B 317 -5.26 12.60 7.66
C ILE B 317 -4.49 12.98 8.92
N ILE B 318 -5.23 13.27 10.00
CA ILE B 318 -4.66 13.59 11.30
C ILE B 318 -5.13 12.52 12.27
N VAL B 319 -4.19 11.84 12.92
CA VAL B 319 -4.47 10.71 13.79
C VAL B 319 -4.39 11.18 15.24
N SER B 320 -5.43 10.90 16.01
CA SER B 320 -5.48 11.20 17.43
C SER B 320 -6.01 9.98 18.18
N TYR B 321 -5.60 9.85 19.45
CA TYR B 321 -5.98 8.71 20.27
C TYR B 321 -6.61 9.21 21.57
N LYS B 322 -7.76 8.64 21.91
CA LYS B 322 -8.44 8.95 23.16
C LYS B 322 -8.96 7.65 23.78
N VAL B 323 -8.68 7.47 25.06
CA VAL B 323 -9.20 6.33 25.82
C VAL B 323 -10.33 6.82 26.70
N LYS B 324 -11.45 6.11 26.67
CA LYS B 324 -12.65 6.54 27.38
C LYS B 324 -13.14 5.42 28.29
N VAL B 325 -13.73 5.83 29.42
CA VAL B 325 -14.39 4.92 30.34
C VAL B 325 -15.86 5.33 30.41
N LYS B 326 -16.74 4.35 30.30
CA LYS B 326 -18.18 4.59 30.27
C LYS B 326 -18.86 3.76 31.34
N LEU B 327 -19.67 4.42 32.17
CA LEU B 327 -20.46 3.74 33.20
C LEU B 327 -21.87 3.54 32.66
N VAL B 328 -22.18 2.31 32.29
CA VAL B 328 -23.49 1.98 31.73
C VAL B 328 -24.48 1.95 32.90
N VAL B 329 -25.25 3.02 33.05
CA VAL B 329 -26.22 3.14 34.13
C VAL B 329 -27.59 2.74 33.59
N SER B 330 -28.28 1.88 34.33
CA SER B 330 -29.60 1.39 33.93
C SER B 330 -30.31 0.74 35.11
N ASP B 342 -25.73 6.98 30.34
CA ASP B 342 -24.34 6.58 30.56
C ASP B 342 -23.44 7.80 30.72
N VAL B 343 -22.45 7.69 31.60
CA VAL B 343 -21.50 8.76 31.88
C VAL B 343 -20.14 8.33 31.34
N ALA B 344 -19.56 9.17 30.48
CA ALA B 344 -18.28 8.86 29.86
C ALA B 344 -17.38 10.09 29.89
N VAL B 345 -16.07 9.84 29.95
CA VAL B 345 -15.06 10.88 29.90
C VAL B 345 -14.03 10.50 28.86
N GLU B 346 -13.31 11.50 28.37
CA GLU B 346 -12.29 11.32 27.33
C GLU B 346 -10.92 11.64 27.88
N LEU B 347 -9.97 10.73 27.68
CA LEU B 347 -8.59 10.90 28.13
C LEU B 347 -7.67 10.86 26.92
N PRO B 348 -7.28 11.99 26.36
CA PRO B 348 -6.40 11.99 25.18
C PRO B 348 -4.96 11.66 25.58
N PHE B 349 -4.35 10.75 24.83
CA PHE B 349 -2.97 10.35 25.04
C PHE B 349 -2.23 10.36 23.71
N THR B 350 -0.90 10.27 23.79
CA THR B 350 -0.02 10.34 22.64
C THR B 350 0.66 9.00 22.43
N LEU B 351 0.57 8.48 21.21
CA LEU B 351 1.16 7.19 20.84
C LEU B 351 2.23 7.44 19.80
N MET B 352 3.48 7.22 20.17
CA MET B 352 4.61 7.50 19.30
C MET B 352 5.62 6.36 19.35
N HIS B 353 6.36 6.20 18.26
CA HIS B 353 7.55 5.38 18.31
C HIS B 353 8.70 6.17 18.94
N PRO B 354 9.54 5.53 19.74
CA PRO B 354 10.74 6.23 20.25
C PRO B 354 11.73 6.47 19.13
N LYS B 355 12.64 7.41 19.37
CA LYS B 355 13.62 7.78 18.36
C LYS B 355 14.54 6.61 18.06
N PRO B 356 14.65 6.18 16.80
CA PRO B 356 15.47 5.01 16.48
C PRO B 356 16.95 5.33 16.58
N LYS B 357 17.76 4.26 16.63
CA LYS B 357 19.21 4.43 16.69
C LYS B 357 19.77 4.79 15.32
N GLU B 358 19.65 3.87 14.35
CA GLU B 358 20.11 4.13 12.99
C GLU B 358 18.98 4.60 12.08
N GLU B 359 17.97 3.73 11.86
CA GLU B 359 16.82 4.03 11.01
C GLU B 359 15.82 2.88 11.05
N PRO B 360 14.53 3.17 10.91
CA PRO B 360 13.55 2.09 10.74
C PRO B 360 13.72 1.40 9.40
N PRO B 361 13.54 0.08 9.34
CA PRO B 361 13.73 -0.63 8.06
C PRO B 361 12.58 -0.46 7.08
N HIS B 362 11.37 -0.15 7.55
CA HIS B 362 10.17 -0.12 6.70
C HIS B 362 9.95 -1.44 5.97
N ARG B 363 10.19 -2.54 6.68
CA ARG B 363 9.95 -3.87 6.14
C ARG B 363 9.95 -4.85 7.30
N GLU B 364 9.26 -5.98 7.10
CA GLU B 364 9.35 -7.07 8.05
C GLU B 364 10.78 -7.59 8.03
N VAL B 365 11.53 -7.34 9.11
CA VAL B 365 12.95 -7.70 9.12
C VAL B 365 13.17 -9.18 8.81
N PRO B 366 12.43 -10.13 9.41
CA PRO B 366 12.43 -11.51 8.85
C PRO B 366 11.38 -11.68 7.76
N GLU B 367 11.74 -11.26 6.54
CA GLU B 367 10.82 -11.39 5.42
C GLU B 367 10.54 -12.84 5.07
N ASN B 368 9.33 -13.09 4.58
CA ASN B 368 8.90 -14.42 4.12
C ASN B 368 9.06 -15.48 5.20
N VAL C 2 20.02 -8.16 -16.77
CA VAL C 2 19.56 -9.10 -15.75
C VAL C 2 20.73 -9.95 -15.27
N GLN C 3 21.35 -10.67 -16.19
CA GLN C 3 22.49 -11.53 -15.91
C GLN C 3 23.74 -10.95 -16.56
N LEU C 4 24.79 -10.77 -15.77
CA LEU C 4 26.05 -10.22 -16.24
C LEU C 4 27.17 -11.19 -15.88
N GLN C 5 27.76 -11.80 -16.90
CA GLN C 5 28.87 -12.74 -16.72
C GLN C 5 30.14 -12.13 -17.29
N GLU C 6 31.19 -12.09 -16.47
CA GLU C 6 32.46 -11.50 -16.83
C GLU C 6 33.55 -12.56 -16.85
N SER C 7 34.42 -12.50 -17.84
CA SER C 7 35.52 -13.44 -17.96
C SER C 7 36.68 -12.76 -18.67
N GLY C 8 37.87 -13.32 -18.48
CA GLY C 8 39.07 -12.77 -19.10
C GLY C 8 40.21 -12.55 -18.11
N GLY C 9 40.07 -13.10 -16.90
CA GLY C 9 41.09 -12.93 -15.89
C GLY C 9 42.29 -13.84 -16.12
N GLY C 10 43.30 -13.65 -15.28
CA GLY C 10 44.52 -14.43 -15.38
C GLY C 10 45.67 -13.85 -14.58
N LEU C 11 46.58 -14.72 -14.12
CA LEU C 11 47.74 -14.29 -13.33
C LEU C 11 48.87 -13.90 -14.27
N VAL C 12 48.68 -12.76 -14.93
CA VAL C 12 49.66 -12.22 -15.88
C VAL C 12 50.57 -11.24 -15.15
N GLN C 13 51.88 -11.38 -15.35
CA GLN C 13 52.85 -10.53 -14.68
C GLN C 13 52.80 -9.11 -15.26
N ALA C 14 53.68 -8.26 -14.74
CA ALA C 14 53.73 -6.87 -15.17
C ALA C 14 54.14 -6.77 -16.63
N GLY C 15 53.57 -5.80 -17.34
CA GLY C 15 53.85 -5.60 -18.75
C GLY C 15 53.05 -6.46 -19.69
N GLY C 16 52.19 -7.34 -19.18
CA GLY C 16 51.36 -8.18 -20.02
C GLY C 16 50.10 -7.48 -20.48
N SER C 17 49.31 -8.22 -21.25
CA SER C 17 48.04 -7.72 -21.78
C SER C 17 46.95 -8.75 -21.54
N LEU C 18 45.74 -8.27 -21.25
CA LEU C 18 44.58 -9.12 -21.05
C LEU C 18 43.43 -8.63 -21.92
N ARG C 19 42.52 -9.55 -22.24
CA ARG C 19 41.40 -9.27 -23.12
C ARG C 19 40.13 -9.69 -22.37
N LEU C 20 39.58 -8.77 -21.58
CA LEU C 20 38.42 -9.07 -20.75
C LEU C 20 37.13 -8.87 -21.55
N SER C 21 36.13 -9.68 -21.22
CA SER C 21 34.82 -9.60 -21.84
C SER C 21 33.74 -9.74 -20.78
N CYS C 22 32.58 -9.14 -21.06
CA CYS C 22 31.42 -9.24 -20.18
C CYS C 22 30.16 -9.22 -21.03
N VAL C 23 29.24 -10.12 -20.73
CA VAL C 23 28.01 -10.27 -21.50
C VAL C 23 26.84 -9.75 -20.67
N VAL C 24 26.03 -8.89 -21.28
CA VAL C 24 24.84 -8.33 -20.64
C VAL C 24 23.62 -8.95 -21.31
N SER C 25 22.91 -9.80 -20.58
CA SER C 25 21.73 -10.47 -21.08
C SER C 25 20.49 -9.94 -20.38
N GLY C 26 19.45 -9.66 -21.15
CA GLY C 26 18.21 -9.11 -20.63
C GLY C 26 18.11 -7.60 -20.69
N PHE C 27 19.20 -6.91 -21.02
CA PHE C 27 19.21 -5.46 -21.16
C PHE C 27 19.67 -5.09 -22.56
N PHE C 28 18.88 -4.26 -23.24
CA PHE C 28 19.19 -3.80 -24.59
C PHE C 28 19.85 -2.43 -24.48
N PHE C 29 21.19 -2.42 -24.43
CA PHE C 29 21.96 -1.19 -24.29
C PHE C 29 22.43 -0.76 -25.68
N ASP C 30 21.60 0.01 -26.37
CA ASP C 30 21.95 0.58 -27.67
C ASP C 30 22.34 2.06 -27.55
N THR C 31 21.55 2.84 -26.83
CA THR C 31 21.88 4.23 -26.53
C THR C 31 22.33 4.42 -25.09
N VAL C 32 22.64 3.33 -24.38
CA VAL C 32 23.01 3.37 -22.98
C VAL C 32 24.52 3.29 -22.86
N THR C 33 25.11 4.25 -22.13
CA THR C 33 26.54 4.28 -21.94
C THR C 33 26.96 3.25 -20.89
N MET C 34 27.98 2.45 -21.22
CA MET C 34 28.50 1.44 -20.32
C MET C 34 29.88 1.87 -19.80
N ALA C 35 30.22 1.36 -18.62
CA ALA C 35 31.47 1.71 -17.96
C ALA C 35 32.04 0.48 -17.27
N TRP C 36 33.26 0.62 -16.76
CA TRP C 36 33.96 -0.45 -16.06
C TRP C 36 34.39 0.06 -14.69
N TYR C 37 34.22 -0.80 -13.67
CA TYR C 37 34.55 -0.44 -12.30
C TYR C 37 35.47 -1.50 -11.70
N ARG C 38 36.26 -1.08 -10.71
CA ARG C 38 37.23 -1.96 -10.08
C ARG C 38 37.34 -1.65 -8.60
N ARG C 39 37.66 -2.67 -7.81
CA ARG C 39 38.05 -2.51 -6.41
C ARG C 39 39.46 -3.04 -6.23
N ALA C 40 40.35 -2.19 -5.71
CA ALA C 40 41.63 -2.66 -5.22
C ALA C 40 41.41 -3.48 -3.95
N PRO C 41 42.31 -4.43 -3.66
CA PRO C 41 42.15 -5.24 -2.44
C PRO C 41 42.08 -4.38 -1.20
N GLY C 42 40.93 -4.43 -0.52
CA GLY C 42 40.71 -3.65 0.68
C GLY C 42 40.24 -2.23 0.45
N LYS C 43 39.91 -1.85 -0.77
CA LYS C 43 39.48 -0.50 -1.11
C LYS C 43 38.06 -0.53 -1.67
N HIS C 44 37.58 0.65 -2.05
CA HIS C 44 36.24 0.81 -2.59
C HIS C 44 36.26 0.81 -4.11
N ARG C 45 35.07 0.77 -4.71
CA ARG C 45 34.93 0.70 -6.15
C ARG C 45 34.99 2.10 -6.77
N GLU C 46 35.84 2.25 -7.78
CA GLU C 46 35.99 3.49 -8.53
C GLU C 46 35.93 3.19 -10.02
N LEU C 47 35.44 4.16 -10.79
CA LEU C 47 35.32 3.99 -12.22
C LEU C 47 36.71 4.04 -12.86
N VAL C 48 36.98 3.09 -13.76
CA VAL C 48 38.27 3.02 -14.43
C VAL C 48 38.17 3.34 -15.92
N ALA C 49 37.03 3.06 -16.55
CA ALA C 49 36.87 3.35 -17.98
C ALA C 49 35.38 3.44 -18.29
N SER C 50 35.08 4.11 -19.40
CA SER C 50 33.71 4.26 -19.86
C SER C 50 33.72 4.55 -21.35
N ALA C 51 32.57 4.34 -21.98
CA ALA C 51 32.43 4.58 -23.42
C ALA C 51 30.98 4.87 -23.73
N THR C 52 30.72 6.04 -24.31
CA THR C 52 29.36 6.42 -24.68
C THR C 52 28.88 5.56 -25.85
N ALA C 53 27.57 5.66 -26.11
CA ALA C 53 26.97 4.83 -27.15
C ALA C 53 27.54 5.16 -28.53
N GLY C 54 27.52 6.43 -28.90
CA GLY C 54 27.86 6.79 -30.27
C GLY C 54 29.31 6.67 -30.67
N GLY C 55 30.16 7.58 -30.19
CA GLY C 55 31.55 7.57 -30.61
C GLY C 55 32.60 7.91 -29.57
N THR C 56 32.18 8.32 -28.38
CA THR C 56 33.07 8.91 -27.39
C THR C 56 33.35 7.93 -26.26
N THR C 57 34.62 7.78 -25.92
CA THR C 57 35.07 6.98 -24.78
C THR C 57 35.89 7.84 -23.85
N THR C 58 35.69 7.67 -22.55
CA THR C 58 36.40 8.45 -21.54
C THR C 58 37.10 7.52 -20.56
N TYR C 59 38.15 8.05 -19.93
CA TYR C 59 38.97 7.27 -19.01
C TYR C 59 39.29 8.12 -17.79
N ALA C 60 39.78 7.45 -16.75
CA ALA C 60 40.14 8.12 -15.50
C ALA C 60 41.53 8.76 -15.65
N ASP C 61 42.11 9.19 -14.53
CA ASP C 61 43.38 9.90 -14.56
C ASP C 61 44.50 9.00 -15.06
N SER C 62 44.80 7.93 -14.33
CA SER C 62 45.88 7.01 -14.72
C SER C 62 45.35 5.87 -15.57
N VAL C 63 44.60 6.20 -16.62
CA VAL C 63 44.09 5.21 -17.56
C VAL C 63 44.39 5.56 -19.01
N LYS C 64 44.61 6.82 -19.35
CA LYS C 64 44.82 7.21 -20.74
C LYS C 64 46.12 6.63 -21.28
N ASP C 65 46.12 6.33 -22.58
CA ASP C 65 47.25 5.77 -23.32
C ASP C 65 47.65 4.38 -22.85
N ARG C 66 46.90 3.79 -21.91
CA ARG C 66 47.19 2.46 -21.41
C ARG C 66 46.05 1.49 -21.66
N PHE C 67 44.82 1.87 -21.33
CA PHE C 67 43.65 1.01 -21.48
C PHE C 67 42.78 1.51 -22.63
N THR C 68 42.05 0.58 -23.24
CA THR C 68 41.11 0.91 -24.30
C THR C 68 39.82 0.15 -24.08
N ILE C 69 38.70 0.76 -24.49
CA ILE C 69 37.38 0.18 -24.31
C ILE C 69 36.64 0.24 -25.65
N SER C 70 35.99 -0.86 -26.02
CA SER C 70 35.20 -0.93 -27.23
C SER C 70 33.90 -1.66 -26.93
N ARG C 71 32.87 -1.35 -27.70
CA ARG C 71 31.55 -1.95 -27.52
C ARG C 71 31.02 -2.46 -28.85
N ASP C 72 30.39 -3.63 -28.81
CA ASP C 72 29.76 -4.23 -29.98
C ASP C 72 28.32 -4.58 -29.62
N ASN C 73 27.37 -4.06 -30.40
CA ASN C 73 25.96 -4.32 -30.14
C ASN C 73 25.45 -5.59 -30.81
N ALA C 74 26.26 -6.22 -31.67
CA ALA C 74 25.84 -7.45 -32.32
C ALA C 74 25.66 -8.59 -31.31
N LYS C 75 26.57 -8.69 -30.35
CA LYS C 75 26.51 -9.73 -29.33
C LYS C 75 26.22 -9.18 -27.94
N ASN C 76 25.94 -7.88 -27.83
CA ASN C 76 25.66 -7.22 -26.54
C ASN C 76 26.80 -7.44 -25.56
N THR C 77 28.02 -7.12 -25.99
CA THR C 77 29.21 -7.32 -25.18
C THR C 77 30.15 -6.14 -25.38
N VAL C 78 30.74 -5.67 -24.28
CA VAL C 78 31.71 -4.57 -24.31
C VAL C 78 33.05 -5.12 -23.86
N TYR C 79 34.12 -4.59 -24.45
CA TYR C 79 35.47 -5.07 -24.23
C TYR C 79 36.31 -4.03 -23.48
N LEU C 80 37.31 -4.53 -22.75
CA LEU C 80 38.25 -3.68 -22.03
C LEU C 80 39.63 -4.34 -22.13
N GLN C 81 40.49 -3.80 -22.99
CA GLN C 81 41.83 -4.32 -23.18
C GLN C 81 42.83 -3.44 -22.45
N MET C 82 43.79 -4.06 -21.79
CA MET C 82 44.78 -3.37 -20.97
C MET C 82 46.18 -3.66 -21.48
N ASN C 83 47.04 -2.64 -21.45
CA ASN C 83 48.42 -2.77 -21.88
C ASN C 83 49.33 -2.09 -20.87
N SER C 84 50.53 -2.65 -20.71
CA SER C 84 51.55 -2.13 -19.78
C SER C 84 50.99 -2.06 -18.35
N LEU C 85 50.67 -3.24 -17.81
CA LEU C 85 50.09 -3.32 -16.48
C LEU C 85 51.05 -2.80 -15.42
N LYS C 86 50.53 -1.96 -14.53
CA LYS C 86 51.27 -1.44 -13.40
C LYS C 86 51.21 -2.41 -12.23
N PRO C 87 52.16 -2.34 -11.30
CA PRO C 87 52.08 -3.20 -10.11
C PRO C 87 50.84 -2.94 -9.27
N GLU C 88 50.26 -1.75 -9.34
CA GLU C 88 49.05 -1.41 -8.61
C GLU C 88 47.78 -1.69 -9.41
N ASP C 89 47.91 -2.24 -10.62
CA ASP C 89 46.74 -2.48 -11.47
C ASP C 89 45.89 -3.65 -10.99
N THR C 90 46.36 -4.42 -10.01
CA THR C 90 45.56 -5.54 -9.50
C THR C 90 44.28 -5.04 -8.86
N ALA C 91 43.17 -5.67 -9.22
CA ALA C 91 41.84 -5.28 -8.74
C ALA C 91 40.85 -6.34 -9.20
N VAL C 92 39.58 -6.14 -8.84
CA VAL C 92 38.47 -6.94 -9.32
C VAL C 92 37.61 -6.06 -10.21
N TYR C 93 37.54 -6.39 -11.49
CA TYR C 93 36.88 -5.54 -12.49
C TYR C 93 35.43 -5.97 -12.66
N TYR C 94 34.53 -5.00 -12.64
CA TYR C 94 33.10 -5.23 -12.78
C TYR C 94 32.58 -4.61 -14.06
N CYS C 95 31.55 -5.23 -14.62
CA CYS C 95 30.89 -4.76 -15.84
C CYS C 95 29.49 -4.28 -15.48
N ASN C 96 29.18 -3.04 -15.83
CA ASN C 96 27.89 -2.45 -15.49
C ASN C 96 27.72 -1.17 -16.30
N THR C 97 26.53 -0.56 -16.15
CA THR C 97 26.20 0.69 -16.80
C THR C 97 26.92 1.85 -16.11
N PHE C 98 27.21 2.91 -16.88
CA PHE C 98 27.74 4.13 -16.28
C PHE C 98 26.78 4.69 -15.24
N VAL C 99 25.48 4.48 -15.43
CA VAL C 99 24.47 4.87 -14.44
C VAL C 99 24.47 3.93 -13.24
N ARG C 100 25.10 2.75 -13.37
CA ARG C 100 25.07 1.71 -12.34
C ARG C 100 23.63 1.24 -12.10
N SER C 101 22.85 1.19 -13.18
CA SER C 101 21.45 0.80 -13.05
C SER C 101 21.30 -0.71 -12.82
N LEU C 102 22.06 -1.52 -13.55
CA LEU C 102 21.92 -2.96 -13.48
C LEU C 102 22.51 -3.50 -12.18
N SER C 103 22.00 -4.66 -11.77
CA SER C 103 22.51 -5.32 -10.58
C SER C 103 23.94 -5.78 -10.80
N TRP C 104 24.77 -5.62 -9.77
CA TRP C 104 26.19 -5.95 -9.88
C TRP C 104 26.38 -7.46 -9.87
N GLY C 105 27.32 -7.92 -10.69
CA GLY C 105 27.67 -9.32 -10.77
C GLY C 105 28.97 -9.64 -10.06
N GLN C 106 29.51 -10.82 -10.37
CA GLN C 106 30.77 -11.27 -9.78
C GLN C 106 31.91 -10.90 -10.71
N GLY C 107 32.83 -10.06 -10.21
CA GLY C 107 33.94 -9.61 -11.02
C GLY C 107 35.03 -10.65 -11.18
N THR C 108 36.01 -10.32 -12.01
CA THR C 108 37.13 -11.19 -12.31
C THR C 108 38.37 -10.72 -11.56
N GLN C 109 39.05 -11.65 -10.91
CA GLN C 109 40.24 -11.35 -10.13
C GLN C 109 41.47 -11.38 -11.05
N VAL C 110 42.20 -10.27 -11.10
CA VAL C 110 43.43 -10.16 -11.87
C VAL C 110 44.53 -9.63 -10.96
N THR C 111 45.70 -10.27 -11.00
CA THR C 111 46.82 -9.87 -10.18
C THR C 111 48.09 -9.87 -11.01
N VAL C 112 49.06 -9.05 -10.58
CA VAL C 112 50.33 -8.94 -11.28
C VAL C 112 51.48 -9.23 -10.31
N ASP D 2 18.34 -21.86 1.01
CA ASP D 2 18.41 -20.85 2.05
C ASP D 2 19.74 -20.11 2.01
N ILE D 3 20.20 -19.64 3.17
CA ILE D 3 21.45 -18.93 3.30
C ILE D 3 22.34 -19.67 4.28
N GLN D 4 23.55 -20.01 3.85
CA GLN D 4 24.51 -20.75 4.66
C GLN D 4 25.76 -19.92 4.85
N MET D 5 26.29 -19.92 6.07
CA MET D 5 27.49 -19.17 6.42
C MET D 5 28.61 -20.11 6.82
N THR D 6 29.81 -19.84 6.29
CA THR D 6 31.02 -20.55 6.66
C THR D 6 32.02 -19.55 7.23
N GLN D 7 32.51 -19.83 8.43
CA GLN D 7 33.45 -18.96 9.11
C GLN D 7 34.87 -19.46 8.87
N SER D 8 35.75 -18.56 8.43
CA SER D 8 37.13 -18.97 8.13
C SER D 8 37.86 -19.52 9.34
N PRO D 9 37.89 -18.84 10.51
CA PRO D 9 38.56 -19.45 11.66
C PRO D 9 37.65 -20.39 12.43
N SER D 10 37.97 -21.68 12.40
CA SER D 10 37.22 -22.67 13.17
C SER D 10 37.75 -22.81 14.59
N SER D 11 39.07 -22.79 14.76
CA SER D 11 39.69 -22.83 16.08
C SER D 11 40.82 -21.81 16.10
N LEU D 12 40.70 -20.81 16.97
CA LEU D 12 41.66 -19.71 17.05
C LEU D 12 42.40 -19.79 18.37
N SER D 13 43.73 -19.68 18.30
CA SER D 13 44.58 -19.67 19.48
C SER D 13 45.39 -18.38 19.49
N ALA D 14 45.41 -17.71 20.64
CA ALA D 14 46.10 -16.43 20.76
C ALA D 14 46.45 -16.21 22.23
N SER D 15 47.09 -15.08 22.50
CA SER D 15 47.49 -14.67 23.84
C SER D 15 46.77 -13.38 24.20
N VAL D 16 47.16 -12.80 25.34
CA VAL D 16 46.56 -11.56 25.81
C VAL D 16 47.38 -10.39 25.31
N GLY D 17 46.75 -9.50 24.54
CA GLY D 17 47.43 -8.33 24.03
C GLY D 17 47.64 -8.32 22.53
N ASP D 18 46.72 -8.93 21.78
CA ASP D 18 46.81 -8.96 20.33
C ASP D 18 45.43 -8.78 19.74
N ARG D 19 45.39 -8.42 18.46
CA ARG D 19 44.14 -8.17 17.74
C ARG D 19 43.78 -9.39 16.91
N VAL D 20 42.56 -9.90 17.10
CA VAL D 20 42.06 -11.03 16.36
C VAL D 20 41.00 -10.55 15.38
N THR D 21 40.65 -11.41 14.42
CA THR D 21 39.68 -11.06 13.40
C THR D 21 38.93 -12.32 12.98
N ILE D 22 37.63 -12.35 13.23
CA ILE D 22 36.77 -13.47 12.83
C ILE D 22 36.01 -13.05 11.57
N THR D 23 36.03 -13.91 10.56
CA THR D 23 35.46 -13.60 9.25
C THR D 23 34.16 -14.36 9.05
N CYS D 24 33.13 -13.65 8.61
CA CYS D 24 31.82 -14.23 8.31
C CYS D 24 31.47 -13.96 6.85
N ARG D 25 31.01 -15.00 6.16
CA ARG D 25 30.61 -14.90 4.76
C ARG D 25 29.17 -15.38 4.61
N ALA D 26 28.36 -14.61 3.89
CA ALA D 26 26.96 -14.94 3.66
C ALA D 26 26.79 -15.53 2.27
N SER D 27 25.96 -16.56 2.17
CA SER D 27 25.71 -17.19 0.87
C SER D 27 25.04 -16.23 -0.09
N GLN D 28 24.06 -15.47 0.38
CA GLN D 28 23.32 -14.52 -0.43
C GLN D 28 23.71 -13.10 -0.03
N SER D 29 23.51 -12.16 -0.96
CA SER D 29 23.91 -10.78 -0.75
C SER D 29 22.88 -10.11 0.15
N VAL D 30 23.04 -10.34 1.45
CA VAL D 30 22.15 -9.76 2.45
C VAL D 30 22.62 -8.36 2.79
N SER D 31 21.75 -7.60 3.44
CA SER D 31 22.07 -6.25 3.88
C SER D 31 22.88 -6.32 5.17
N SER D 32 23.04 -5.18 5.83
CA SER D 32 23.79 -5.09 7.08
C SER D 32 23.08 -5.78 8.25
N ALA D 33 21.98 -6.50 8.02
CA ALA D 33 21.23 -7.17 9.08
C ALA D 33 21.97 -8.45 9.50
N VAL D 34 23.09 -8.24 10.20
CA VAL D 34 23.91 -9.32 10.71
C VAL D 34 24.26 -9.01 12.16
N ALA D 35 24.09 -9.98 13.04
CA ALA D 35 24.37 -9.83 14.46
C ALA D 35 25.46 -10.80 14.90
N TRP D 36 26.20 -10.40 15.93
CA TRP D 36 27.28 -11.19 16.47
C TRP D 36 26.98 -11.53 17.93
N TYR D 37 27.16 -12.80 18.29
CA TYR D 37 26.87 -13.29 19.63
C TYR D 37 28.11 -13.95 20.22
N GLN D 38 28.25 -13.81 21.54
CA GLN D 38 29.33 -14.44 22.30
C GLN D 38 28.71 -15.42 23.29
N GLN D 39 29.18 -16.67 23.27
CA GLN D 39 28.66 -17.72 24.13
C GLN D 39 29.81 -18.35 24.91
N LYS D 40 29.88 -18.04 26.20
CA LYS D 40 30.83 -18.71 27.07
C LYS D 40 30.37 -20.15 27.33
N PRO D 41 31.30 -21.06 27.61
CA PRO D 41 30.90 -22.45 27.90
C PRO D 41 30.01 -22.51 29.13
N GLY D 42 28.88 -23.20 29.00
CA GLY D 42 27.92 -23.33 30.07
C GLY D 42 27.04 -22.12 30.28
N LYS D 43 27.03 -21.17 29.35
CA LYS D 43 26.23 -19.96 29.48
C LYS D 43 25.53 -19.67 28.17
N ALA D 44 24.42 -18.94 28.25
CA ALA D 44 23.67 -18.58 27.06
C ALA D 44 24.43 -17.55 26.23
N PRO D 45 24.22 -17.54 24.91
CA PRO D 45 24.86 -16.52 24.08
C PRO D 45 24.39 -15.13 24.47
N LYS D 46 25.30 -14.15 24.32
CA LYS D 46 25.03 -12.78 24.72
C LYS D 46 25.42 -11.86 23.58
N LEU D 47 24.52 -10.94 23.24
CA LEU D 47 24.69 -10.12 22.04
C LEU D 47 25.82 -9.12 22.22
N LEU D 48 26.59 -8.91 21.14
CA LEU D 48 27.66 -7.93 21.10
C LEU D 48 27.41 -6.83 20.09
N ILE D 49 27.13 -7.19 18.83
CA ILE D 49 26.84 -6.24 17.77
C ILE D 49 25.53 -6.64 17.11
N TYR D 50 24.62 -5.69 16.96
CA TYR D 50 23.27 -5.97 16.49
C TYR D 50 23.01 -5.52 15.06
N SER D 51 23.96 -4.85 14.41
CA SER D 51 23.75 -4.42 13.03
C SER D 51 25.00 -4.58 12.17
N ALA D 52 25.96 -5.39 12.63
CA ALA D 52 27.22 -5.68 11.94
C ALA D 52 28.13 -4.45 11.93
N SER D 53 27.61 -3.30 12.36
CA SER D 53 28.42 -2.10 12.53
C SER D 53 28.10 -1.32 13.79
N SER D 54 26.98 -1.60 14.46
CA SER D 54 26.55 -0.82 15.62
C SER D 54 26.82 -1.58 16.90
N LEU D 55 27.53 -0.93 17.82
CA LEU D 55 27.91 -1.56 19.08
C LEU D 55 26.72 -1.54 20.04
N TYR D 56 26.49 -2.68 20.69
CA TYR D 56 25.41 -2.80 21.66
C TYR D 56 25.72 -2.01 22.92
N SER D 57 24.68 -1.68 23.67
CA SER D 57 24.84 -0.95 24.92
C SER D 57 25.23 -1.91 26.03
N GLY D 58 26.43 -1.71 26.59
CA GLY D 58 26.95 -2.52 27.68
C GLY D 58 28.24 -3.23 27.36
N VAL D 59 28.44 -3.62 26.10
CA VAL D 59 29.65 -4.33 25.69
C VAL D 59 30.84 -3.37 25.75
N PRO D 60 32.04 -3.86 25.97
CA PRO D 60 33.22 -2.98 25.93
C PRO D 60 33.46 -2.43 24.53
N SER D 61 34.09 -1.26 24.49
CA SER D 61 34.35 -0.60 23.21
C SER D 61 35.41 -1.29 22.38
N ARG D 62 36.14 -2.27 22.95
CA ARG D 62 37.18 -2.95 22.19
C ARG D 62 36.62 -3.80 21.06
N PHE D 63 35.35 -4.19 21.12
CA PHE D 63 34.74 -4.93 20.04
C PHE D 63 34.32 -3.98 18.92
N SER D 64 34.38 -4.50 17.69
CA SER D 64 34.01 -3.71 16.52
C SER D 64 33.61 -4.63 15.39
N GLY D 65 32.89 -4.07 14.42
CA GLY D 65 32.47 -4.83 13.26
C GLY D 65 32.46 -3.96 12.02
N SER D 66 32.56 -4.61 10.87
CA SER D 66 32.60 -3.92 9.59
C SER D 66 31.96 -4.81 8.53
N ARG D 67 31.55 -4.16 7.43
CA ARG D 67 30.92 -4.86 6.31
C ARG D 67 31.49 -4.36 5.00
N SER D 68 31.69 -5.29 4.06
CA SER D 68 32.13 -4.95 2.71
C SER D 68 31.54 -5.99 1.78
N GLY D 69 30.44 -5.64 1.11
CA GLY D 69 29.69 -6.61 0.35
C GLY D 69 29.08 -7.64 1.28
N THR D 70 29.54 -8.88 1.19
CA THR D 70 29.25 -9.90 2.21
C THR D 70 30.61 -10.39 2.71
N ASP D 71 31.20 -9.62 3.61
CA ASP D 71 32.48 -9.96 4.25
C ASP D 71 32.46 -9.54 5.70
N PHE D 72 31.36 -9.83 6.40
CA PHE D 72 31.20 -9.38 7.78
C PHE D 72 32.32 -9.92 8.66
N THR D 73 32.93 -9.03 9.44
CA THR D 73 34.05 -9.39 10.31
C THR D 73 33.83 -8.81 11.69
N LEU D 74 34.39 -9.50 12.69
CA LEU D 74 34.38 -9.04 14.07
C LEU D 74 35.83 -8.96 14.55
N THR D 75 36.23 -7.78 15.02
CA THR D 75 37.61 -7.53 15.44
C THR D 75 37.63 -7.10 16.91
N ILE D 76 38.61 -7.62 17.64
CA ILE D 76 38.82 -7.27 19.04
C ILE D 76 40.19 -6.60 19.14
N SER D 77 40.21 -5.38 19.68
CA SER D 77 41.46 -4.63 19.77
C SER D 77 42.47 -5.33 20.66
N SER D 78 42.03 -5.81 21.83
CA SER D 78 42.89 -6.51 22.76
C SER D 78 42.14 -7.71 23.33
N LEU D 79 42.75 -8.89 23.27
CA LEU D 79 42.13 -10.11 23.74
C LEU D 79 42.30 -10.18 25.26
N GLN D 80 41.29 -9.67 25.98
CA GLN D 80 41.32 -9.67 27.42
C GLN D 80 41.17 -11.09 27.96
N PRO D 81 41.60 -11.33 29.20
CA PRO D 81 41.43 -12.69 29.77
C PRO D 81 39.99 -13.15 29.80
N GLU D 82 39.04 -12.25 30.05
CA GLU D 82 37.62 -12.62 30.05
C GLU D 82 36.99 -12.41 28.68
N ASP D 83 37.64 -12.94 27.65
CA ASP D 83 37.15 -12.86 26.28
C ASP D 83 37.15 -14.21 25.56
N PHE D 84 37.59 -15.28 26.22
CA PHE D 84 37.71 -16.58 25.58
C PHE D 84 36.35 -17.26 25.59
N ALA D 85 35.71 -17.33 24.44
CA ALA D 85 34.40 -17.95 24.30
C ALA D 85 34.18 -18.29 22.82
N THR D 86 32.97 -18.74 22.50
CA THR D 86 32.60 -19.08 21.14
C THR D 86 31.77 -17.94 20.55
N TYR D 87 32.16 -17.49 19.36
CA TYR D 87 31.52 -16.37 18.69
C TYR D 87 30.73 -16.88 17.49
N TYR D 88 29.48 -16.42 17.39
CA TYR D 88 28.58 -16.87 16.33
C TYR D 88 28.17 -15.68 15.46
N CYS D 89 27.96 -15.96 14.18
CA CYS D 89 27.54 -14.97 13.20
C CYS D 89 26.12 -15.31 12.75
N GLN D 90 25.20 -14.37 12.91
CA GLN D 90 23.79 -14.61 12.67
C GLN D 90 23.20 -13.47 11.85
N GLN D 91 22.34 -13.83 10.90
CA GLN D 91 21.61 -12.87 10.07
C GLN D 91 20.13 -12.94 10.41
N TYR D 92 19.44 -11.82 10.18
CA TYR D 92 18.01 -11.75 10.48
C TYR D 92 17.24 -11.03 9.37
N LYS D 93 17.69 -11.16 8.12
CA LYS D 93 16.99 -10.56 7.00
C LYS D 93 15.84 -11.42 6.49
N TYR D 94 15.78 -12.69 6.90
CA TYR D 94 14.72 -13.59 6.49
C TYR D 94 14.32 -14.47 7.68
N VAL D 95 13.13 -15.07 7.58
CA VAL D 95 12.65 -15.94 8.66
C VAL D 95 13.61 -17.08 8.94
N PRO D 96 14.11 -17.85 7.95
CA PRO D 96 15.08 -18.89 8.28
C PRO D 96 16.42 -18.33 8.68
N VAL D 97 16.49 -17.72 9.88
CA VAL D 97 17.75 -17.17 10.36
C VAL D 97 18.75 -18.30 10.60
N THR D 98 19.98 -18.09 10.19
CA THR D 98 21.03 -19.10 10.28
C THR D 98 22.22 -18.54 11.05
N PHE D 99 22.69 -19.30 12.02
CA PHE D 99 23.86 -18.92 12.81
C PHE D 99 25.12 -19.47 12.17
N GLY D 100 26.25 -18.89 12.55
CA GLY D 100 27.53 -19.35 12.05
C GLY D 100 27.94 -20.68 12.67
N GLN D 101 28.95 -21.29 12.06
CA GLN D 101 29.45 -22.57 12.56
C GLN D 101 30.12 -22.44 13.91
N GLY D 102 30.54 -21.23 14.30
CA GLY D 102 31.15 -21.02 15.59
C GLY D 102 32.66 -20.94 15.55
N THR D 103 33.21 -19.87 16.11
CA THR D 103 34.65 -19.68 16.20
C THR D 103 35.07 -19.77 17.66
N LYS D 104 35.99 -20.68 17.95
CA LYS D 104 36.44 -20.92 19.31
C LYS D 104 37.79 -20.26 19.53
N VAL D 105 37.91 -19.53 20.64
CA VAL D 105 39.15 -18.85 21.02
C VAL D 105 39.70 -19.54 22.26
N GLU D 106 40.93 -20.05 22.15
CA GLU D 106 41.56 -20.76 23.25
C GLU D 106 43.02 -20.37 23.38
N VAL D 126 14.93 -7.70 33.96
CA VAL D 126 14.64 -8.39 32.70
C VAL D 126 15.27 -9.77 32.69
N GLN D 127 14.59 -10.73 33.32
CA GLN D 127 15.07 -12.10 33.42
C GLN D 127 14.12 -13.03 32.70
N LEU D 128 14.67 -13.98 31.96
CA LEU D 128 13.90 -15.01 31.27
C LEU D 128 14.24 -16.37 31.87
N VAL D 129 13.21 -17.06 32.35
CA VAL D 129 13.36 -18.37 32.99
C VAL D 129 12.53 -19.38 32.20
N GLU D 130 13.17 -20.48 31.81
CA GLU D 130 12.49 -21.55 31.09
C GLU D 130 12.20 -22.71 32.04
N SER D 131 10.98 -23.25 31.93
CA SER D 131 10.55 -24.38 32.74
C SER D 131 10.41 -25.62 31.87
N GLY D 132 10.28 -26.76 32.54
CA GLY D 132 10.14 -28.02 31.84
C GLY D 132 11.46 -28.56 31.34
N GLY D 133 11.35 -29.63 30.54
CA GLY D 133 12.52 -30.27 29.98
C GLY D 133 12.99 -31.47 30.79
N GLY D 134 13.35 -32.55 30.09
CA GLY D 134 13.81 -33.74 30.77
C GLY D 134 13.94 -34.89 29.80
N LEU D 135 14.10 -36.08 30.37
CA LEU D 135 14.24 -37.30 29.57
C LEU D 135 12.87 -37.71 29.05
N VAL D 136 12.70 -37.68 27.73
CA VAL D 136 11.45 -38.03 27.07
C VAL D 136 11.73 -39.11 26.04
N GLN D 137 10.92 -40.16 26.04
CA GLN D 137 11.08 -41.23 25.07
C GLN D 137 10.74 -40.73 23.67
N PRO D 138 11.33 -41.31 22.63
CA PRO D 138 11.02 -40.89 21.26
C PRO D 138 9.55 -41.03 20.95
N GLY D 139 9.02 -40.07 20.21
CA GLY D 139 7.60 -40.03 19.89
C GLY D 139 6.71 -39.44 20.96
N GLY D 140 7.29 -38.99 22.08
CA GLY D 140 6.51 -38.41 23.16
C GLY D 140 6.26 -36.92 22.95
N SER D 141 5.69 -36.30 23.98
CA SER D 141 5.36 -34.89 23.97
C SER D 141 5.96 -34.20 25.18
N LEU D 142 6.32 -32.92 25.01
CA LEU D 142 6.91 -32.14 26.08
C LEU D 142 6.62 -30.67 25.83
N ARG D 143 6.35 -29.93 26.90
CA ARG D 143 6.01 -28.51 26.82
C ARG D 143 6.96 -27.72 27.71
N LEU D 144 7.48 -26.61 27.19
CA LEU D 144 8.37 -25.72 27.92
C LEU D 144 7.69 -24.37 28.11
N SER D 145 7.79 -23.84 29.33
CA SER D 145 7.23 -22.54 29.66
C SER D 145 8.36 -21.53 29.78
N CYS D 146 8.23 -20.41 29.08
CA CYS D 146 9.24 -19.35 29.08
C CYS D 146 8.67 -18.15 29.83
N ALA D 147 8.97 -18.09 31.13
CA ALA D 147 8.52 -16.98 31.95
C ALA D 147 9.29 -15.72 31.60
N ALA D 148 8.57 -14.67 31.21
CA ALA D 148 9.17 -13.43 30.75
C ALA D 148 8.79 -12.30 31.70
N SER D 149 9.78 -11.53 32.14
CA SER D 149 9.55 -10.40 33.02
C SER D 149 10.41 -9.23 32.57
N GLY D 150 9.89 -8.02 32.77
CA GLY D 150 10.60 -6.80 32.41
C GLY D 150 10.24 -6.22 31.06
N PHE D 151 9.55 -6.98 30.20
CA PHE D 151 9.14 -6.48 28.90
C PHE D 151 7.75 -7.00 28.57
N ASN D 152 7.08 -6.31 27.66
CA ASN D 152 5.72 -6.66 27.26
C ASN D 152 5.74 -7.60 26.07
N VAL D 153 4.70 -8.44 26.00
CA VAL D 153 4.60 -9.43 24.92
C VAL D 153 4.43 -8.73 23.58
N TYR D 154 3.58 -7.71 23.51
CA TYR D 154 3.30 -7.05 22.25
C TYR D 154 4.41 -6.12 21.79
N SER D 155 5.29 -5.70 22.70
CA SER D 155 6.42 -4.84 22.34
C SER D 155 7.70 -5.62 22.10
N SER D 156 7.64 -6.96 22.14
CA SER D 156 8.82 -7.78 21.95
C SER D 156 8.44 -9.00 21.13
N SER D 157 9.47 -9.68 20.60
CA SER D 157 9.29 -10.91 19.84
C SER D 157 10.01 -12.04 20.55
N ILE D 158 9.34 -13.18 20.71
CA ILE D 158 9.87 -14.31 21.44
C ILE D 158 10.35 -15.36 20.44
N HIS D 159 11.59 -15.81 20.60
CA HIS D 159 12.19 -16.80 19.72
C HIS D 159 12.74 -17.95 20.55
N TRP D 160 12.75 -19.14 19.94
CA TRP D 160 13.31 -20.34 20.55
C TRP D 160 14.49 -20.81 19.71
N VAL D 161 15.66 -20.92 20.34
CA VAL D 161 16.88 -21.35 19.68
C VAL D 161 17.42 -22.56 20.44
N ARG D 162 17.72 -23.63 19.72
CA ARG D 162 18.28 -24.84 20.30
C ARG D 162 19.72 -25.02 19.86
N GLN D 163 20.55 -25.54 20.76
CA GLN D 163 21.95 -25.79 20.49
C GLN D 163 22.25 -27.25 20.82
N ALA D 164 22.60 -28.03 19.80
CA ALA D 164 22.95 -29.42 20.01
C ALA D 164 24.28 -29.53 20.76
N PRO D 165 24.47 -30.58 21.54
CA PRO D 165 25.75 -30.74 22.27
C PRO D 165 26.92 -30.86 21.29
N GLY D 166 27.82 -29.88 21.36
CA GLY D 166 28.97 -29.82 20.49
C GLY D 166 28.73 -29.16 19.15
N LYS D 167 27.51 -28.70 18.88
CA LYS D 167 27.17 -28.05 17.63
C LYS D 167 26.79 -26.59 17.90
N GLY D 168 26.40 -25.89 16.82
CA GLY D 168 26.04 -24.49 16.91
C GLY D 168 24.56 -24.28 17.18
N LEU D 169 24.20 -23.01 17.29
CA LEU D 169 22.81 -22.65 17.55
C LEU D 169 21.94 -22.88 16.33
N GLU D 170 20.70 -23.29 16.57
CA GLU D 170 19.72 -23.50 15.50
C GLU D 170 18.40 -22.89 15.92
N TRP D 171 17.79 -22.13 15.02
CA TRP D 171 16.51 -21.48 15.30
C TRP D 171 15.37 -22.48 15.15
N VAL D 172 14.39 -22.37 16.04
CA VAL D 172 13.25 -23.29 16.09
C VAL D 172 11.96 -22.59 15.67
N ALA D 173 11.53 -21.59 16.42
CA ALA D 173 10.27 -20.93 16.15
C ALA D 173 10.30 -19.51 16.70
N SER D 174 9.39 -18.69 16.19
CA SER D 174 9.26 -17.30 16.64
C SER D 174 7.79 -16.90 16.57
N ILE D 175 7.40 -15.99 17.46
CA ILE D 175 6.03 -15.51 17.54
C ILE D 175 6.04 -14.00 17.75
N SER D 176 5.22 -13.29 16.98
CA SER D 176 5.05 -11.85 17.12
C SER D 176 3.58 -11.59 17.44
N SER D 177 3.29 -11.27 18.70
CA SER D 177 1.91 -11.12 19.13
C SER D 177 1.27 -9.83 18.65
N TYR D 178 2.06 -8.84 18.22
CA TYR D 178 1.49 -7.60 17.72
C TYR D 178 0.73 -7.83 16.41
N TYR D 179 1.36 -8.53 15.46
CA TYR D 179 0.73 -8.87 14.20
C TYR D 179 0.11 -10.26 14.21
N GLY D 180 0.25 -11.02 15.30
CA GLY D 180 -0.31 -12.35 15.35
C GLY D 180 0.30 -13.32 14.36
N TYR D 181 1.62 -13.29 14.20
CA TYR D 181 2.32 -14.13 13.25
C TYR D 181 3.21 -15.13 14.00
N THR D 182 3.19 -16.38 13.55
CA THR D 182 4.02 -17.43 14.10
C THR D 182 4.81 -18.10 12.98
N TYR D 183 6.08 -18.35 13.23
CA TYR D 183 6.98 -18.96 12.26
C TYR D 183 7.64 -20.18 12.87
N TYR D 184 7.92 -21.17 12.03
CA TYR D 184 8.58 -22.40 12.45
C TYR D 184 9.64 -22.78 11.45
N ALA D 185 10.66 -23.50 11.92
CA ALA D 185 11.71 -23.98 11.05
C ALA D 185 11.19 -25.10 10.15
N ASP D 186 11.86 -25.29 9.02
CA ASP D 186 11.44 -26.29 8.05
C ASP D 186 11.54 -27.71 8.59
N SER D 187 12.37 -27.94 9.60
CA SER D 187 12.55 -29.27 10.18
C SER D 187 11.62 -29.54 11.35
N VAL D 188 10.83 -28.57 11.77
CA VAL D 188 9.92 -28.74 12.91
C VAL D 188 8.52 -28.29 12.53
N LYS D 189 8.25 -28.15 11.24
CA LYS D 189 6.94 -27.71 10.79
C LYS D 189 5.90 -28.77 11.11
N GLY D 190 4.75 -28.32 11.61
CA GLY D 190 3.68 -29.23 12.00
C GLY D 190 3.85 -29.90 13.35
N ARG D 191 5.00 -30.51 13.59
CA ARG D 191 5.25 -31.15 14.88
C ARG D 191 5.41 -30.13 16.00
N PHE D 192 5.96 -28.96 15.69
CA PHE D 192 6.25 -27.94 16.69
C PHE D 192 5.21 -26.83 16.61
N THR D 193 4.80 -26.32 17.78
CA THR D 193 3.89 -25.19 17.86
C THR D 193 4.36 -24.25 18.97
N ILE D 194 4.02 -22.97 18.82
CA ILE D 194 4.44 -21.94 19.75
C ILE D 194 3.23 -21.08 20.10
N SER D 195 3.16 -20.64 21.37
CA SER D 195 2.08 -19.79 21.82
C SER D 195 2.60 -18.88 22.93
N ALA D 196 1.89 -17.77 23.14
CA ALA D 196 2.25 -16.80 24.15
C ALA D 196 1.01 -16.40 24.94
N ASP D 197 1.14 -16.33 26.25
CA ASP D 197 0.06 -15.93 27.15
C ASP D 197 0.29 -14.48 27.56
N THR D 198 -0.65 -13.60 27.17
CA THR D 198 -0.51 -12.18 27.48
C THR D 198 -0.67 -11.91 28.97
N SER D 199 -1.65 -12.56 29.61
CA SER D 199 -1.92 -12.29 31.01
C SER D 199 -0.75 -12.70 31.90
N LYS D 200 -0.15 -13.85 31.64
CA LYS D 200 0.96 -14.34 32.44
C LYS D 200 2.32 -13.92 31.90
N ASN D 201 2.37 -13.27 30.74
CA ASN D 201 3.63 -12.87 30.10
C ASN D 201 4.56 -14.07 29.93
N THR D 202 3.99 -15.20 29.50
CA THR D 202 4.72 -16.44 29.36
C THR D 202 4.57 -16.98 27.96
N ALA D 203 5.65 -17.56 27.44
CA ALA D 203 5.66 -18.19 26.12
C ALA D 203 5.75 -19.70 26.28
N TYR D 204 4.95 -20.42 25.50
CA TYR D 204 4.85 -21.87 25.59
C TYR D 204 5.25 -22.51 24.27
N LEU D 205 6.00 -23.59 24.35
CA LEU D 205 6.42 -24.37 23.18
C LEU D 205 6.05 -25.82 23.41
N GLN D 206 5.09 -26.32 22.63
CA GLN D 206 4.63 -27.69 22.72
C GLN D 206 5.28 -28.52 21.63
N MET D 207 5.86 -29.65 21.99
CA MET D 207 6.55 -30.53 21.06
C MET D 207 5.78 -31.83 20.90
N ASN D 208 5.67 -32.30 19.65
CA ASN D 208 5.00 -33.56 19.34
C ASN D 208 5.90 -34.37 18.42
N SER D 209 5.89 -35.70 18.64
CA SER D 209 6.68 -36.64 17.85
C SER D 209 8.16 -36.29 17.87
N LEU D 210 8.74 -36.37 19.07
CA LEU D 210 10.15 -36.04 19.25
C LEU D 210 11.03 -37.12 18.64
N ARG D 211 11.84 -36.75 17.66
CA ARG D 211 12.79 -37.65 17.05
C ARG D 211 14.10 -37.67 17.84
N ALA D 212 14.99 -38.57 17.44
CA ALA D 212 16.27 -38.73 18.13
C ALA D 212 17.23 -37.57 17.87
N GLU D 213 16.94 -36.70 16.92
CA GLU D 213 17.80 -35.58 16.59
C GLU D 213 17.40 -34.28 17.30
N ASP D 214 16.44 -34.35 18.22
CA ASP D 214 15.97 -33.17 18.95
C ASP D 214 16.75 -32.92 20.23
N THR D 215 17.77 -33.71 20.52
CA THR D 215 18.57 -33.53 21.74
C THR D 215 19.39 -32.26 21.61
N ALA D 216 18.95 -31.20 22.29
CA ALA D 216 19.63 -29.92 22.24
C ALA D 216 19.23 -29.08 23.45
N VAL D 217 20.01 -28.05 23.71
CA VAL D 217 19.72 -27.11 24.78
C VAL D 217 18.86 -25.98 24.21
N TYR D 218 17.66 -25.84 24.75
CA TYR D 218 16.69 -24.88 24.24
C TYR D 218 16.78 -23.56 24.99
N TYR D 219 16.91 -22.47 24.24
CA TYR D 219 16.99 -21.13 24.79
C TYR D 219 15.80 -20.31 24.32
N CYS D 220 15.14 -19.63 25.26
CA CYS D 220 14.06 -18.71 24.93
C CYS D 220 14.64 -17.31 24.86
N ALA D 221 14.70 -16.75 23.65
CA ALA D 221 15.33 -15.46 23.41
C ALA D 221 14.26 -14.40 23.11
N ARG D 222 14.52 -13.18 23.57
CA ARG D 222 13.62 -12.06 23.36
C ARG D 222 14.28 -11.03 22.46
N SER D 223 13.51 -10.51 21.51
CA SER D 223 13.98 -9.48 20.59
C SER D 223 12.95 -8.37 20.50
N ARG D 224 13.42 -7.17 20.19
CA ARG D 224 12.53 -6.02 20.05
C ARG D 224 11.60 -6.24 18.87
N GLN D 225 10.29 -6.19 19.12
CA GLN D 225 9.32 -6.49 18.07
C GLN D 225 9.38 -5.44 16.96
N PHE D 226 9.51 -4.17 17.31
CA PHE D 226 9.57 -3.10 16.34
C PHE D 226 11.02 -2.84 15.98
N TRP D 227 11.34 -2.97 14.69
CA TRP D 227 12.70 -2.75 14.17
C TRP D 227 13.69 -3.70 14.85
N TYR D 228 13.50 -4.99 14.54
CA TYR D 228 14.32 -6.09 15.03
C TYR D 228 15.80 -5.73 15.01
N SER D 229 16.45 -5.86 16.15
CA SER D 229 17.86 -5.53 16.33
C SER D 229 18.58 -6.64 17.09
N GLY D 230 18.37 -7.87 16.66
CA GLY D 230 19.01 -9.01 17.28
C GLY D 230 18.29 -9.49 18.53
N LEU D 231 18.79 -10.59 19.08
CA LEU D 231 18.23 -11.19 20.29
C LEU D 231 18.95 -10.58 21.49
N ASP D 232 18.31 -9.60 22.12
CA ASP D 232 18.95 -8.87 23.21
C ASP D 232 19.12 -9.75 24.45
N TYR D 233 18.09 -10.51 24.81
CA TYR D 233 18.09 -11.28 26.05
C TYR D 233 17.85 -12.76 25.74
N TRP D 234 18.53 -13.61 26.49
CA TRP D 234 18.44 -15.06 26.33
C TRP D 234 18.02 -15.70 27.65
N GLY D 235 17.98 -17.03 27.67
CA GLY D 235 17.57 -17.80 28.81
C GLY D 235 18.74 -18.38 29.59
N GLN D 236 18.53 -19.58 30.14
CA GLN D 236 19.53 -20.24 30.97
C GLN D 236 19.92 -21.64 30.48
N GLY D 237 18.99 -22.40 29.90
CA GLY D 237 19.31 -23.72 29.41
C GLY D 237 18.45 -24.82 30.00
N THR D 238 17.75 -25.55 29.14
CA THR D 238 16.84 -26.63 29.53
C THR D 238 17.06 -27.85 28.65
N LEU D 239 18.32 -28.29 28.56
CA LEU D 239 18.72 -29.45 27.76
C LEU D 239 17.71 -30.59 27.90
N VAL D 240 17.27 -31.10 26.75
CA VAL D 240 16.29 -32.18 26.69
C VAL D 240 16.93 -33.38 26.03
N THR D 241 16.88 -34.53 26.71
CA THR D 241 17.49 -35.76 26.23
C THR D 241 16.39 -36.72 25.76
N VAL D 242 16.51 -37.20 24.53
CA VAL D 242 15.56 -38.14 23.98
C VAL D 242 16.26 -39.43 23.58
C1 PAM E . -4.61 2.34 -19.07
O1 PAM E . -4.27 1.81 -17.97
O2 PAM E . -4.67 1.63 -20.10
C2 PAM E . -4.94 3.83 -19.13
C3 PAM E . -6.31 4.08 -19.74
C4 PAM E . -6.28 4.14 -21.27
C5 PAM E . -7.66 4.34 -21.89
C6 PAM E . -7.82 3.58 -23.20
C7 PAM E . -9.04 4.05 -24.01
C8 PAM E . -10.09 4.77 -23.16
C9 PAM E . -11.50 4.27 -23.44
C10 PAM E . -12.50 4.71 -22.36
C11 PAM E . -13.90 4.13 -22.58
C12 PAM E . -14.47 3.50 -21.32
C13 PAM E . -15.37 4.46 -20.56
C14 PAM E . -15.64 4.00 -19.13
C15 PAM E . -15.56 5.14 -18.12
C16 PAM E . -16.50 4.93 -16.94
#